data_8IWU
#
_entry.id   8IWU
#
_cell.length_a   1.00
_cell.length_b   1.00
_cell.length_c   1.00
_cell.angle_alpha   90.00
_cell.angle_beta   90.00
_cell.angle_gamma   90.00
#
_symmetry.space_group_name_H-M   'P 1'
#
loop_
_entity.id
_entity.type
_entity.pdbx_description
1 polymer 'Calcium-transporting ATPase type 2C member 1'
2 non-polymer 'MAGNESIUM ION'
3 non-polymer 'TETRAFLUOROALUMINATE ION'
#
_entity_poly.entity_id   1
_entity_poly.type   'polypeptide(L)'
_entity_poly.pdbx_seq_one_letter_code
;MKVARFQKIPNGENETMIPVLTSKKASELPVSEVASILQADLQNGLNKCEVSHRRAFHGWNEFDISEDEPLWKKYISQFK
NPLIMLLLASAVISVLMHQFDDAVSITVAILIVVTVAFVQEYRSEKSLEELSKLVPPECHCVREGKLEHTLARDLVPGDT
VCLSVGDRVPADLRLFEAVDLSIDESSLTGETTPCSKVTAPQPAATNGDLASRSNIAFMGTLVRCGKAKGVVIGTGENSE
FGEVFKMMQAEEAPKTPLQKSMDLLGKQLSFYSFGIIGIIMLVGWLLGKDILEMFTISVSLAVAAIPEGLPIVVTVTLAL
GVMRMVKKRAIVKKLPIVETLGCCNVICSDKTGTLTKNEMTVTHIFTSDGLHAEVTGVGYNQFGEVIVDGDVVHGFYNPA
VSRIVEAGCVCNDAVIRNNTLMGKPTEGALIALAMKMGLDGLQQDYIRKAEYPFSSEQKWMAVKCVHRTQQDRPEICFMK
GAYEQVIKYCTTYQSKGQTLTLTQQQRDVYQQEKARMGSAGLRVLALASGPELGQLTFLGLVGIIDPPRTGVKEAVTTLI
ASGVSIKMITGDSQETAVAIASRLGLYSKTSQSVSGEEIDAMDVQQLSQIVPKVAVFYRASPRHKMKIIKSLQKNGSVVA
MTGDGVNDAVALKAADIGVAMGQTGTDVCKEAADMILVDDDFQTIMSAIEEGKGIYNNIKNFVRFQLSTSIAALTLISLA
TLMNFPNPLNAMQILWINIIMDGPPAQSLGVEPVDKDVIRKPPRNWKDSILTKNLILKILVSSIIIVCGTLFVFWRELRD
NVITPRDTTMTFTCFVFFDMFNALSSRSQTKSVFEIGLCSNRMFCYAVLGSIMGQLLVIYFPPLQKVFQTESLSILDLLF
LLGLTSSVCIVAEIIKKVERSREKIQKHVSSTSSSFLEV
;
_entity_poly.pdbx_strand_id   A
#
loop_
_chem_comp.id
_chem_comp.type
_chem_comp.name
_chem_comp.formula
ALF non-polymer 'TETRAFLUOROALUMINATE ION' 'Al F4 -1'
MG non-polymer 'MAGNESIUM ION' 'Mg 2'
#
# COMPACT_ATOMS: atom_id res chain seq x y z
N GLU A 15 -10.03 20.38 -44.93
CA GLU A 15 -10.60 19.79 -43.73
C GLU A 15 -9.61 18.86 -43.05
N THR A 16 -8.41 19.37 -42.77
CA THR A 16 -7.38 18.59 -42.11
C THR A 16 -7.84 18.18 -40.72
N MET A 17 -8.10 16.89 -40.52
CA MET A 17 -8.65 16.37 -39.27
C MET A 17 -7.98 15.03 -39.00
N ILE A 18 -6.91 15.08 -38.21
CA ILE A 18 -6.10 13.89 -37.92
C ILE A 18 -6.86 12.97 -36.96
N PRO A 19 -7.07 11.71 -37.32
CA PRO A 19 -7.69 10.77 -36.38
C PRO A 19 -6.70 10.28 -35.34
N VAL A 20 -7.24 9.84 -34.20
CA VAL A 20 -6.38 9.35 -33.12
C VAL A 20 -5.80 7.99 -33.51
N LEU A 21 -4.48 7.97 -33.71
CA LEU A 21 -3.74 6.77 -34.08
C LEU A 21 -3.25 6.11 -32.79
N THR A 22 -3.84 4.97 -32.44
CA THR A 22 -3.42 4.25 -31.25
C THR A 22 -2.04 3.63 -31.47
N SER A 23 -1.40 3.25 -30.36
CA SER A 23 -0.07 2.65 -30.45
C SER A 23 -0.11 1.33 -31.22
N LYS A 24 -1.13 0.52 -31.00
CA LYS A 24 -1.24 -0.76 -31.71
C LYS A 24 -1.40 -0.54 -33.21
N LYS A 25 -2.36 0.30 -33.60
CA LYS A 25 -2.62 0.51 -35.01
C LYS A 25 -1.42 1.14 -35.71
N ALA A 26 -0.76 2.09 -35.06
CA ALA A 26 0.46 2.66 -35.61
C ALA A 26 1.56 1.62 -35.73
N SER A 27 1.67 0.73 -34.74
CA SER A 27 2.66 -0.34 -34.81
C SER A 27 2.43 -1.26 -36.00
N GLU A 28 1.17 -1.62 -36.27
CA GLU A 28 0.91 -2.46 -37.44
C GLU A 28 1.21 -1.73 -38.75
N LEU A 29 0.84 -0.47 -38.85
CA LEU A 29 1.02 0.27 -40.09
C LEU A 29 2.49 0.58 -40.34
N PRO A 30 2.97 0.34 -41.55
CA PRO A 30 4.32 0.77 -41.91
C PRO A 30 4.45 2.29 -41.86
N VAL A 31 5.67 2.78 -42.06
CA VAL A 31 5.96 4.20 -41.89
C VAL A 31 5.21 5.04 -42.92
N SER A 32 5.10 4.54 -44.14
CA SER A 32 4.51 5.33 -45.23
C SER A 32 3.05 5.65 -44.93
N GLU A 33 2.26 4.65 -44.53
CA GLU A 33 0.84 4.89 -44.26
C GLU A 33 0.64 5.72 -43.00
N VAL A 34 1.52 5.56 -42.01
CA VAL A 34 1.44 6.40 -40.81
C VAL A 34 1.68 7.86 -41.17
N ALA A 35 2.68 8.12 -42.02
CA ALA A 35 2.95 9.48 -42.45
C ALA A 35 1.80 10.03 -43.29
N SER A 36 1.24 9.20 -44.17
CA SER A 36 0.14 9.65 -45.02
C SER A 36 -1.10 9.99 -44.20
N ILE A 37 -1.44 9.16 -43.21
CA ILE A 37 -2.61 9.44 -42.39
C ILE A 37 -2.41 10.71 -41.57
N LEU A 38 -1.23 10.86 -40.96
CA LEU A 38 -0.93 12.03 -40.14
C LEU A 38 -0.58 13.26 -40.97
N GLN A 39 -0.39 13.10 -42.28
CA GLN A 39 -0.01 14.20 -43.17
C GLN A 39 1.26 14.88 -42.67
N ALA A 40 2.23 14.06 -42.28
CA ALA A 40 3.47 14.52 -41.66
C ALA A 40 4.63 14.33 -42.64
N ASP A 41 5.48 15.34 -42.76
CA ASP A 41 6.68 15.28 -43.59
C ASP A 41 7.81 14.71 -42.74
N LEU A 42 8.33 13.55 -43.14
CA LEU A 42 9.39 12.91 -42.37
C LEU A 42 10.70 13.69 -42.40
N GLN A 43 11.00 14.38 -43.51
CA GLN A 43 12.25 15.11 -43.65
C GLN A 43 12.14 16.58 -43.22
N ASN A 44 11.25 17.34 -43.86
CA ASN A 44 11.14 18.76 -43.57
C ASN A 44 10.30 19.07 -42.34
N GLY A 45 9.54 18.10 -41.83
CA GLY A 45 8.74 18.34 -40.66
C GLY A 45 7.50 19.18 -40.95
N LEU A 46 7.10 19.93 -39.93
CA LEU A 46 5.88 20.74 -39.97
C LEU A 46 6.22 22.23 -39.99
N ASN A 47 5.33 23.01 -40.61
CA ASN A 47 5.43 24.46 -40.56
C ASN A 47 4.59 25.01 -39.42
N LYS A 48 4.82 26.28 -39.09
CA LYS A 48 4.23 26.86 -37.89
C LYS A 48 2.73 27.01 -38.00
N CYS A 49 2.20 27.29 -39.18
CA CYS A 49 0.75 27.44 -39.33
C CYS A 49 0.04 26.12 -39.05
N GLU A 50 0.55 25.02 -39.60
CA GLU A 50 -0.11 23.72 -39.41
C GLU A 50 -0.02 23.27 -37.96
N VAL A 51 1.13 23.45 -37.32
CA VAL A 51 1.26 23.06 -35.91
C VAL A 51 0.37 23.93 -35.04
N SER A 52 0.25 25.22 -35.38
CA SER A 52 -0.65 26.09 -34.63
C SER A 52 -2.09 25.64 -34.75
N HIS A 53 -2.54 25.31 -35.96
CA HIS A 53 -3.91 24.84 -36.16
C HIS A 53 -4.15 23.53 -35.43
N ARG A 54 -3.21 22.58 -35.54
CA ARG A 54 -3.36 21.29 -34.89
C ARG A 54 -3.39 21.43 -33.37
N ARG A 55 -2.54 22.31 -32.83
CA ARG A 55 -2.57 22.59 -31.39
C ARG A 55 -3.89 23.24 -30.99
N ALA A 56 -4.42 24.11 -31.85
CA ALA A 56 -5.74 24.68 -31.60
C ALA A 56 -6.82 23.62 -31.54
N PHE A 57 -6.69 22.56 -32.35
CA PHE A 57 -7.62 21.43 -32.27
C PHE A 57 -7.29 20.47 -31.13
N HIS A 58 -6.10 19.87 -31.17
CA HIS A 58 -5.75 18.80 -30.23
C HIS A 58 -5.33 19.30 -28.86
N GLY A 59 -5.22 20.61 -28.67
CA GLY A 59 -4.79 21.12 -27.38
C GLY A 59 -3.28 20.98 -27.19
N TRP A 60 -2.86 21.20 -25.95
CA TRP A 60 -1.45 21.14 -25.62
C TRP A 60 -1.04 19.73 -25.24
N ASN A 61 0.25 19.45 -25.36
CA ASN A 61 0.82 18.19 -24.89
C ASN A 61 1.24 18.32 -23.42
N GLU A 62 0.24 18.60 -22.58
CA GLU A 62 0.47 18.86 -21.17
C GLU A 62 -0.57 18.11 -20.35
N PHE A 63 -0.21 17.83 -19.10
CA PHE A 63 -1.08 17.15 -18.16
C PHE A 63 -1.62 18.16 -17.16
N ASP A 64 -2.93 18.22 -17.00
CA ASP A 64 -3.58 19.12 -16.05
C ASP A 64 -3.72 18.36 -14.73
N ILE A 65 -3.11 18.89 -13.68
CA ILE A 65 -3.15 18.28 -12.37
C ILE A 65 -4.41 18.79 -11.65
N SER A 66 -5.00 19.85 -12.22
CA SER A 66 -6.17 20.51 -11.66
C SER A 66 -5.88 21.04 -10.26
N GLU A 67 -6.91 21.31 -9.48
CA GLU A 67 -6.75 21.89 -8.15
C GLU A 67 -7.60 21.10 -7.17
N ASP A 68 -7.16 21.12 -5.90
CA ASP A 68 -7.86 20.49 -4.80
C ASP A 68 -8.76 21.53 -4.11
N GLU A 69 -9.43 21.11 -3.05
CA GLU A 69 -10.30 22.00 -2.30
C GLU A 69 -9.58 22.50 -1.06
N PRO A 70 -9.86 23.74 -0.62
CA PRO A 70 -9.16 24.28 0.54
C PRO A 70 -9.58 23.58 1.83
N LEU A 71 -8.77 23.79 2.87
CA LEU A 71 -9.01 23.12 4.14
C LEU A 71 -10.27 23.61 4.83
N TRP A 72 -10.65 24.87 4.62
CA TRP A 72 -11.87 25.37 5.26
C TRP A 72 -13.11 24.69 4.71
N LYS A 73 -13.11 24.33 3.41
CA LYS A 73 -14.21 23.56 2.87
C LYS A 73 -14.31 22.19 3.54
N LYS A 74 -13.16 21.56 3.79
CA LYS A 74 -13.16 20.29 4.52
C LYS A 74 -13.68 20.47 5.93
N TYR A 75 -13.31 21.56 6.59
CA TYR A 75 -13.82 21.85 7.92
C TYR A 75 -15.34 22.02 7.91
N ILE A 76 -15.85 22.73 6.90
CA ILE A 76 -17.30 22.91 6.79
C ILE A 76 -17.99 21.58 6.53
N SER A 77 -17.40 20.75 5.68
CA SER A 77 -17.98 19.43 5.38
C SER A 77 -18.02 18.56 6.63
N GLN A 78 -16.95 18.59 7.43
CA GLN A 78 -16.95 17.86 8.69
C GLN A 78 -17.98 18.44 9.65
N PHE A 79 -18.17 19.77 9.61
CA PHE A 79 -19.22 20.39 10.39
C PHE A 79 -20.60 19.96 9.92
N LYS A 80 -20.74 19.54 8.66
CA LYS A 80 -22.03 19.21 8.07
C LYS A 80 -22.60 17.89 8.56
N ASN A 81 -21.99 17.25 9.55
CA ASN A 81 -22.55 16.01 10.09
C ASN A 81 -23.87 16.30 10.80
N PRO A 82 -24.84 15.40 10.71
CA PRO A 82 -26.12 15.62 11.42
C PRO A 82 -25.95 15.78 12.92
N LEU A 83 -25.00 15.07 13.53
CA LEU A 83 -24.72 15.25 14.94
C LEU A 83 -24.25 16.67 15.23
N ILE A 84 -23.43 17.23 14.34
CA ILE A 84 -22.94 18.59 14.55
C ILE A 84 -24.06 19.61 14.39
N MET A 85 -24.98 19.39 13.44
CA MET A 85 -26.18 20.22 13.38
C MET A 85 -27.01 20.12 14.65
N LEU A 86 -27.18 18.92 15.19
CA LEU A 86 -27.95 18.78 16.42
C LEU A 86 -27.28 19.52 17.57
N LEU A 87 -25.95 19.39 17.68
CA LEU A 87 -25.21 20.08 18.74
C LEU A 87 -25.28 21.58 18.56
N LEU A 88 -25.18 22.07 17.32
CA LEU A 88 -25.26 23.51 17.06
C LEU A 88 -26.65 24.05 17.39
N ALA A 89 -27.69 23.28 17.07
CA ALA A 89 -29.05 23.69 17.44
C ALA A 89 -29.20 23.76 18.96
N SER A 90 -28.66 22.77 19.67
CA SER A 90 -28.70 22.82 21.13
C SER A 90 -27.94 24.03 21.66
N ALA A 91 -26.79 24.33 21.07
CA ALA A 91 -26.00 25.48 21.51
C ALA A 91 -26.75 26.79 21.27
N VAL A 92 -27.40 26.92 20.11
CA VAL A 92 -28.12 28.16 19.83
C VAL A 92 -29.34 28.28 20.73
N ILE A 93 -30.00 27.17 21.06
CA ILE A 93 -31.11 27.23 22.00
C ILE A 93 -30.62 27.65 23.38
N SER A 94 -29.49 27.10 23.81
CA SER A 94 -28.93 27.47 25.11
C SER A 94 -28.53 28.94 25.16
N VAL A 95 -27.88 29.44 24.10
CA VAL A 95 -27.46 30.83 24.08
C VAL A 95 -28.65 31.77 23.90
N LEU A 96 -29.78 31.26 23.41
CA LEU A 96 -30.99 32.06 23.34
C LEU A 96 -31.77 32.05 24.65
N MET A 97 -31.30 31.33 25.66
CA MET A 97 -31.99 31.22 26.94
C MET A 97 -31.15 31.74 28.10
N HIS A 98 -30.24 32.68 27.84
CA HIS A 98 -29.36 33.25 28.87
C HIS A 98 -28.57 32.16 29.59
N GLN A 99 -28.04 31.21 28.82
CA GLN A 99 -27.25 30.12 29.36
C GLN A 99 -25.86 30.13 28.74
N PHE A 100 -25.23 31.31 28.73
CA PHE A 100 -23.99 31.52 27.99
C PHE A 100 -22.89 30.54 28.40
N ASP A 101 -22.88 30.10 29.66
CA ASP A 101 -21.87 29.14 30.10
C ASP A 101 -22.06 27.79 29.41
N ASP A 102 -23.30 27.29 29.39
CA ASP A 102 -23.58 26.03 28.72
C ASP A 102 -23.32 26.13 27.23
N ALA A 103 -23.71 27.25 26.61
CA ALA A 103 -23.47 27.44 25.19
C ALA A 103 -21.98 27.47 24.89
N VAL A 104 -21.20 28.17 25.72
CA VAL A 104 -19.76 28.24 25.50
C VAL A 104 -19.13 26.85 25.62
N SER A 105 -19.54 26.08 26.63
CA SER A 105 -19.03 24.73 26.78
C SER A 105 -19.38 23.86 25.57
N ILE A 106 -20.63 23.98 25.09
CA ILE A 106 -21.06 23.17 23.96
C ILE A 106 -20.28 23.53 22.70
N THR A 107 -20.06 24.82 22.45
CA THR A 107 -19.28 25.23 21.29
C THR A 107 -17.82 24.81 21.42
N VAL A 108 -17.25 24.85 22.63
CA VAL A 108 -15.88 24.37 22.82
C VAL A 108 -15.79 22.89 22.49
N ALA A 109 -16.74 22.11 22.99
CA ALA A 109 -16.77 20.67 22.69
C ALA A 109 -16.95 20.43 21.20
N ILE A 110 -17.80 21.21 20.55
CA ILE A 110 -18.02 21.06 19.11
C ILE A 110 -16.73 21.34 18.35
N LEU A 111 -16.05 22.43 18.71
CA LEU A 111 -14.80 22.78 18.03
C LEU A 111 -13.76 21.69 18.22
N ILE A 112 -13.65 21.14 19.43
CA ILE A 112 -12.71 20.05 19.67
C ILE A 112 -13.07 18.83 18.83
N VAL A 113 -14.36 18.52 18.74
CA VAL A 113 -14.80 17.33 18.02
C VAL A 113 -14.49 17.47 16.53
N VAL A 114 -14.81 18.62 15.94
CA VAL A 114 -14.55 18.80 14.52
C VAL A 114 -13.05 18.88 14.24
N THR A 115 -12.27 19.48 15.15
CA THR A 115 -10.83 19.50 14.96
C THR A 115 -10.26 18.09 14.97
N VAL A 116 -10.72 17.26 15.91
CA VAL A 116 -10.24 15.88 15.98
C VAL A 116 -10.66 15.10 14.73
N ALA A 117 -11.90 15.29 14.28
CA ALA A 117 -12.37 14.59 13.09
C ALA A 117 -11.59 15.01 11.85
N PHE A 118 -11.30 16.30 11.72
CA PHE A 118 -10.51 16.77 10.59
C PHE A 118 -9.09 16.23 10.64
N VAL A 119 -8.49 16.18 11.84
CA VAL A 119 -7.15 15.64 11.96
C VAL A 119 -7.11 14.17 11.59
N GLN A 120 -8.08 13.39 12.08
CA GLN A 120 -8.13 11.97 11.77
C GLN A 120 -8.38 11.73 10.28
N GLU A 121 -9.29 12.48 9.69
CA GLU A 121 -9.64 12.33 8.28
C GLU A 121 -8.85 13.27 7.38
N TYR A 122 -7.77 13.87 7.87
CA TYR A 122 -6.96 14.76 7.06
C TYR A 122 -6.27 13.98 5.94
N ARG A 123 -6.24 14.59 4.76
CA ARG A 123 -5.55 13.97 3.62
C ARG A 123 -4.06 13.86 3.92
N SER A 124 -3.46 12.77 3.43
CA SER A 124 -2.06 12.47 3.72
C SER A 124 -1.09 13.29 2.87
N GLU A 125 -1.56 14.39 2.28
CA GLU A 125 -0.73 15.27 1.45
C GLU A 125 -0.10 14.48 0.29
N LYS A 126 -0.99 14.00 -0.59
CA LYS A 126 -0.56 13.24 -1.75
C LYS A 126 0.45 14.02 -2.58
N SER A 127 0.11 15.27 -2.93
CA SER A 127 0.96 16.13 -3.76
C SER A 127 1.39 15.39 -5.02
N LEU A 128 0.41 14.81 -5.72
CA LEU A 128 0.69 13.91 -6.82
C LEU A 128 1.05 14.66 -8.10
N GLU A 129 2.01 15.57 -8.01
CA GLU A 129 2.61 16.19 -9.17
C GLU A 129 3.89 15.47 -9.61
N GLU A 130 4.32 14.45 -8.87
CA GLU A 130 5.50 13.69 -9.27
C GLU A 130 5.23 12.86 -10.53
N LEU A 131 3.96 12.51 -10.78
CA LEU A 131 3.63 11.84 -12.03
C LEU A 131 3.92 12.72 -13.23
N SER A 132 3.61 14.02 -13.14
CA SER A 132 3.96 14.97 -14.19
C SER A 132 5.36 15.52 -14.01
N LYS A 133 6.34 14.63 -13.77
CA LYS A 133 7.74 15.01 -13.74
C LYS A 133 8.62 14.05 -14.52
N LEU A 134 8.12 12.85 -14.85
CA LEU A 134 8.83 11.96 -15.76
C LEU A 134 8.43 12.31 -17.19
N VAL A 135 8.54 13.59 -17.52
CA VAL A 135 8.17 14.13 -18.82
C VAL A 135 9.20 15.22 -19.14
N PRO A 136 9.85 15.18 -20.31
CA PRO A 136 10.94 16.11 -20.54
C PRO A 136 10.43 17.52 -20.74
N PRO A 137 11.11 18.51 -20.17
CA PRO A 137 10.67 19.91 -20.33
C PRO A 137 10.92 20.43 -21.74
N GLU A 138 11.94 19.90 -22.40
CA GLU A 138 12.30 20.30 -23.75
C GLU A 138 12.32 19.07 -24.67
N CYS A 139 12.28 19.30 -25.98
CA CYS A 139 12.37 18.21 -26.94
C CYS A 139 12.99 18.71 -28.24
N HIS A 140 13.81 17.88 -28.87
CA HIS A 140 14.49 18.25 -30.12
C HIS A 140 13.60 17.84 -31.29
N CYS A 141 12.73 18.77 -31.69
CA CYS A 141 11.82 18.52 -32.80
C CYS A 141 12.35 19.16 -34.08
N VAL A 142 11.90 18.62 -35.21
CA VAL A 142 12.30 19.12 -36.52
C VAL A 142 11.10 19.78 -37.18
N ARG A 143 11.25 21.05 -37.54
CA ARG A 143 10.19 21.82 -38.18
C ARG A 143 10.78 22.65 -39.31
N GLU A 144 10.10 22.64 -40.46
CA GLU A 144 10.52 23.40 -41.64
C GLU A 144 11.95 23.06 -42.05
N GLY A 145 12.32 21.79 -41.87
CA GLY A 145 13.66 21.35 -42.21
C GLY A 145 14.73 21.77 -41.24
N LYS A 146 14.38 22.38 -40.11
CA LYS A 146 15.33 22.86 -39.13
C LYS A 146 15.05 22.23 -37.77
N LEU A 147 16.11 21.72 -37.14
CA LEU A 147 15.99 21.12 -35.82
C LEU A 147 15.94 22.25 -34.78
N GLU A 148 14.81 22.36 -34.09
CA GLU A 148 14.59 23.43 -33.12
C GLU A 148 14.43 22.85 -31.72
N HIS A 149 14.88 23.60 -30.72
CA HIS A 149 14.73 23.22 -29.33
C HIS A 149 13.43 23.81 -28.79
N THR A 150 12.42 22.97 -28.64
CA THR A 150 11.10 23.40 -28.19
C THR A 150 10.67 22.57 -27.00
N LEU A 151 9.76 23.13 -26.21
CA LEU A 151 9.22 22.42 -25.06
C LEU A 151 8.30 21.29 -25.52
N ALA A 152 8.21 20.24 -24.70
CA ALA A 152 7.34 19.12 -25.04
C ALA A 152 5.87 19.50 -24.97
N ARG A 153 5.55 20.59 -24.27
CA ARG A 153 4.16 21.02 -24.17
C ARG A 153 3.64 21.56 -25.50
N ASP A 154 4.55 21.90 -26.42
CA ASP A 154 4.18 22.39 -27.73
C ASP A 154 4.06 21.29 -28.78
N LEU A 155 4.30 20.04 -28.40
CA LEU A 155 4.27 18.95 -29.38
C LEU A 155 2.83 18.62 -29.79
N VAL A 156 2.71 18.06 -30.99
CA VAL A 156 1.40 17.70 -31.56
C VAL A 156 1.61 16.46 -32.42
N PRO A 157 0.59 15.61 -32.56
CA PRO A 157 0.71 14.48 -33.49
C PRO A 157 1.09 14.94 -34.89
N GLY A 158 2.02 14.22 -35.50
CA GLY A 158 2.59 14.59 -36.77
C GLY A 158 3.95 15.23 -36.71
N ASP A 159 4.36 15.73 -35.54
CA ASP A 159 5.68 16.32 -35.40
C ASP A 159 6.77 15.25 -35.46
N THR A 160 7.92 15.65 -35.98
CA THR A 160 9.09 14.77 -36.05
C THR A 160 10.03 15.10 -34.89
N VAL A 161 10.31 14.11 -34.05
CA VAL A 161 11.11 14.29 -32.84
C VAL A 161 12.36 13.43 -32.94
N CYS A 162 13.52 14.05 -32.70
CA CYS A 162 14.80 13.35 -32.72
C CYS A 162 15.16 12.93 -31.30
N LEU A 163 15.55 11.67 -31.14
CA LEU A 163 15.88 11.10 -29.84
C LEU A 163 17.39 10.83 -29.77
N SER A 164 17.99 11.17 -28.65
CA SER A 164 19.41 10.97 -28.41
C SER A 164 19.63 10.26 -27.09
N VAL A 165 20.90 10.01 -26.77
CA VAL A 165 21.23 9.34 -25.51
C VAL A 165 20.96 10.28 -24.35
N GLY A 166 20.25 9.78 -23.35
CA GLY A 166 19.86 10.57 -22.20
C GLY A 166 18.64 11.43 -22.42
N ASP A 167 18.00 11.34 -23.58
CA ASP A 167 16.83 12.14 -23.88
C ASP A 167 15.56 11.35 -23.59
N ARG A 168 14.67 11.95 -22.81
CA ARG A 168 13.41 11.33 -22.43
C ARG A 168 12.41 11.50 -23.57
N VAL A 169 11.69 10.42 -23.89
CA VAL A 169 10.74 10.42 -24.99
C VAL A 169 9.57 11.33 -24.62
N PRO A 170 9.30 12.37 -25.42
CA PRO A 170 8.30 13.37 -25.03
C PRO A 170 6.86 12.99 -25.39
N ALA A 171 6.69 12.05 -26.30
CA ALA A 171 5.36 11.63 -26.73
C ALA A 171 5.48 10.29 -27.45
N ASP A 172 4.33 9.71 -27.76
CA ASP A 172 4.32 8.45 -28.52
C ASP A 172 4.82 8.71 -29.93
N LEU A 173 5.91 8.03 -30.31
CA LEU A 173 6.57 8.26 -31.59
C LEU A 173 6.55 6.98 -32.41
N ARG A 174 6.31 7.13 -33.71
CA ARG A 174 6.45 6.03 -34.66
C ARG A 174 7.87 6.07 -35.22
N LEU A 175 8.71 5.13 -34.79
CA LEU A 175 10.11 5.15 -35.17
C LEU A 175 10.27 4.70 -36.62
N PHE A 176 10.91 5.55 -37.43
CA PHE A 176 11.25 5.21 -38.80
C PHE A 176 12.75 5.13 -39.04
N GLU A 177 13.56 5.79 -38.22
CA GLU A 177 15.01 5.66 -38.24
C GLU A 177 15.49 5.33 -36.84
N ALA A 178 16.30 4.28 -36.70
CA ALA A 178 16.80 3.85 -35.40
C ALA A 178 18.04 2.98 -35.60
N VAL A 179 19.10 3.31 -34.89
CA VAL A 179 20.35 2.55 -34.92
C VAL A 179 20.73 2.21 -33.48
N ASP A 180 20.63 0.93 -33.13
CA ASP A 180 20.99 0.43 -31.80
C ASP A 180 20.30 1.25 -30.72
N LEU A 181 18.98 1.42 -30.86
CA LEU A 181 18.21 2.21 -29.90
C LEU A 181 17.72 1.32 -28.77
N SER A 182 18.17 1.62 -27.55
CA SER A 182 17.70 0.94 -26.35
C SER A 182 16.99 1.97 -25.48
N ILE A 183 15.74 1.68 -25.12
CA ILE A 183 14.89 2.59 -24.38
C ILE A 183 14.54 1.96 -23.04
N ASP A 184 14.79 2.68 -21.97
CA ASP A 184 14.43 2.23 -20.62
C ASP A 184 12.93 2.43 -20.45
N GLU A 185 12.21 1.34 -20.23
CA GLU A 185 10.75 1.36 -20.11
C GLU A 185 10.29 0.97 -18.72
N SER A 186 10.96 1.50 -17.69
CA SER A 186 10.64 1.21 -16.30
C SER A 186 9.47 2.05 -15.80
N SER A 187 8.82 2.82 -16.68
CA SER A 187 7.66 3.62 -16.29
C SER A 187 6.32 2.95 -16.56
N LEU A 188 6.20 2.12 -17.60
CA LEU A 188 4.98 1.39 -17.88
C LEU A 188 5.09 -0.10 -17.60
N THR A 189 6.29 -0.69 -17.76
CA THR A 189 6.51 -2.08 -17.43
C THR A 189 7.07 -2.12 -16.02
N GLY A 190 7.98 -1.24 -15.64
CA GLY A 190 8.50 -1.21 -14.28
C GLY A 190 9.81 -1.96 -14.12
N GLU A 191 10.43 -2.32 -15.24
CA GLU A 191 11.66 -3.09 -15.24
C GLU A 191 12.76 -2.34 -15.97
N THR A 192 13.97 -2.39 -15.43
CA THR A 192 15.12 -1.67 -15.98
C THR A 192 15.86 -2.61 -16.93
N THR A 193 15.14 -3.10 -17.94
CA THR A 193 15.74 -3.91 -19.00
C THR A 193 15.55 -3.17 -20.33
N PRO A 194 16.62 -2.55 -20.83
CA PRO A 194 16.52 -1.82 -22.11
C PRO A 194 15.98 -2.67 -23.24
N CYS A 195 14.81 -2.29 -23.77
CA CYS A 195 14.20 -3.02 -24.87
C CYS A 195 14.72 -2.48 -26.19
N SER A 196 15.22 -3.37 -27.03
CA SER A 196 15.71 -3.00 -28.35
C SER A 196 14.56 -2.50 -29.21
N LYS A 197 14.81 -1.42 -29.95
CA LYS A 197 13.80 -0.79 -30.77
C LYS A 197 14.13 -0.95 -32.25
N VAL A 198 13.10 -1.28 -33.04
CA VAL A 198 13.24 -1.48 -34.47
C VAL A 198 12.25 -0.57 -35.19
N THR A 199 12.36 -0.54 -36.51
CA THR A 199 11.50 0.29 -37.34
C THR A 199 10.52 -0.51 -38.19
N ALA A 200 10.72 -1.82 -38.31
CA ALA A 200 9.82 -2.64 -39.11
C ALA A 200 8.45 -2.75 -38.42
N PRO A 201 7.37 -2.87 -39.21
CA PRO A 201 6.05 -3.04 -38.60
C PRO A 201 5.94 -4.37 -37.88
N GLN A 202 5.10 -4.40 -36.84
CA GLN A 202 4.95 -5.60 -36.04
C GLN A 202 3.69 -6.37 -36.42
N PRO A 203 3.77 -7.69 -36.46
CA PRO A 203 2.57 -8.49 -36.73
C PRO A 203 1.53 -8.32 -35.64
N ALA A 204 0.25 -8.46 -36.02
CA ALA A 204 -0.83 -8.30 -35.05
C ALA A 204 -0.86 -9.42 -34.02
N ALA A 205 -0.28 -10.58 -34.36
CA ALA A 205 -0.29 -11.70 -33.44
C ALA A 205 0.52 -11.42 -32.16
N THR A 206 1.67 -10.78 -32.30
CA THR A 206 2.55 -10.51 -31.16
C THR A 206 2.32 -9.15 -30.52
N ASN A 207 1.34 -8.38 -31.00
CA ASN A 207 1.09 -7.04 -30.50
C ASN A 207 0.10 -7.02 -29.33
N GLY A 208 -0.04 -8.15 -28.63
CA GLY A 208 -0.94 -8.17 -27.48
C GLY A 208 -0.46 -7.31 -26.34
N ASP A 209 0.84 -7.36 -26.05
CA ASP A 209 1.41 -6.68 -24.89
C ASP A 209 2.13 -5.40 -25.31
N LEU A 210 2.19 -4.46 -24.37
CA LEU A 210 2.86 -3.19 -24.62
C LEU A 210 4.37 -3.40 -24.79
N ALA A 211 4.94 -4.31 -24.01
CA ALA A 211 6.39 -4.53 -24.05
C ALA A 211 6.85 -5.08 -25.39
N SER A 212 5.97 -5.72 -26.16
CA SER A 212 6.33 -6.25 -27.47
C SER A 212 6.33 -5.20 -28.56
N ARG A 213 5.89 -3.97 -28.25
CA ARG A 213 5.85 -2.89 -29.25
C ARG A 213 7.24 -2.27 -29.37
N SER A 214 8.10 -2.96 -30.11
CA SER A 214 9.47 -2.51 -30.31
C SER A 214 9.58 -1.35 -31.30
N ASN A 215 8.51 -1.03 -32.04
CA ASN A 215 8.53 0.06 -32.99
C ASN A 215 7.79 1.30 -32.50
N ILE A 216 7.47 1.37 -31.21
CA ILE A 216 6.79 2.52 -30.62
C ILE A 216 7.63 3.03 -29.45
N ALA A 217 7.86 4.34 -29.44
CA ALA A 217 8.55 5.00 -28.34
C ALA A 217 7.51 5.67 -27.45
N PHE A 218 7.38 5.19 -26.22
CA PHE A 218 6.33 5.62 -25.31
C PHE A 218 6.77 6.85 -24.53
N MET A 219 5.79 7.70 -24.21
CA MET A 219 6.06 8.91 -23.44
C MET A 219 6.51 8.55 -22.02
N GLY A 220 7.45 9.33 -21.50
CA GLY A 220 7.96 9.12 -20.16
C GLY A 220 9.11 8.15 -20.06
N THR A 221 9.49 7.51 -21.16
CA THR A 221 10.59 6.56 -21.14
C THR A 221 11.91 7.25 -21.48
N LEU A 222 12.99 6.70 -20.95
CA LEU A 222 14.33 7.26 -21.10
C LEU A 222 15.12 6.45 -22.12
N VAL A 223 15.76 7.14 -23.05
CA VAL A 223 16.61 6.49 -24.04
C VAL A 223 17.98 6.24 -23.40
N ARG A 224 18.43 5.00 -23.42
CA ARG A 224 19.70 4.63 -22.79
C ARG A 224 20.87 4.69 -23.77
N CYS A 225 20.67 4.26 -25.01
CA CYS A 225 21.73 4.25 -26.00
C CYS A 225 21.13 4.42 -27.39
N GLY A 226 21.97 4.86 -28.33
CA GLY A 226 21.56 5.02 -29.70
C GLY A 226 20.80 6.30 -29.95
N LYS A 227 20.47 6.51 -31.23
CA LYS A 227 19.71 7.67 -31.67
C LYS A 227 18.57 7.21 -32.58
N ALA A 228 17.51 8.00 -32.60
CA ALA A 228 16.34 7.65 -33.40
C ALA A 228 15.52 8.90 -33.69
N LYS A 229 14.67 8.79 -34.71
CA LYS A 229 13.72 9.83 -35.08
C LYS A 229 12.33 9.20 -35.18
N GLY A 230 11.33 9.90 -34.65
CA GLY A 230 9.98 9.38 -34.63
C GLY A 230 8.96 10.46 -34.93
N VAL A 231 7.79 10.01 -35.36
CA VAL A 231 6.67 10.90 -35.66
C VAL A 231 5.64 10.78 -34.55
N VAL A 232 5.18 11.91 -34.02
CA VAL A 232 4.25 11.90 -32.90
C VAL A 232 2.91 11.34 -33.37
N ILE A 233 2.38 10.38 -32.62
CA ILE A 233 1.10 9.76 -32.94
C ILE A 233 0.08 10.08 -31.86
N GLY A 234 0.55 10.62 -30.74
CA GLY A 234 -0.32 10.96 -29.64
C GLY A 234 0.30 11.93 -28.65
N THR A 235 -0.50 12.84 -28.11
CA THR A 235 -0.03 13.82 -27.15
C THR A 235 -1.00 13.93 -25.99
N GLY A 236 -0.49 14.35 -24.84
CA GLY A 236 -1.29 14.62 -23.67
C GLY A 236 -2.04 13.39 -23.20
N GLU A 237 -3.34 13.57 -22.99
CA GLU A 237 -4.23 12.57 -22.42
C GLU A 237 -4.64 11.50 -23.43
N ASN A 238 -4.14 11.51 -24.65
CA ASN A 238 -4.50 10.50 -25.65
C ASN A 238 -3.33 9.56 -25.90
N SER A 239 -2.59 9.22 -24.85
CA SER A 239 -1.43 8.35 -24.98
C SER A 239 -1.43 7.38 -23.79
N GLU A 240 -0.40 6.53 -23.76
CA GLU A 240 -0.24 5.57 -22.67
C GLU A 240 -0.05 6.29 -21.34
N PHE A 241 0.90 7.24 -21.30
CA PHE A 241 1.13 8.03 -20.10
C PHE A 241 -0.09 8.90 -19.81
N GLY A 242 -0.73 9.40 -20.87
CA GLY A 242 -1.97 10.15 -20.68
C GLY A 242 -3.07 9.31 -20.08
N GLU A 243 -3.22 8.07 -20.55
CA GLU A 243 -4.21 7.17 -19.96
C GLU A 243 -3.88 6.85 -18.51
N VAL A 244 -2.59 6.65 -18.21
CA VAL A 244 -2.18 6.40 -16.83
C VAL A 244 -2.53 7.60 -15.95
N PHE A 245 -2.26 8.80 -16.43
CA PHE A 245 -2.60 10.01 -15.67
C PHE A 245 -4.10 10.14 -15.48
N LYS A 246 -4.88 9.83 -16.51
CA LYS A 246 -6.34 9.87 -16.38
C LYS A 246 -6.83 8.88 -15.32
N MET A 247 -6.29 7.66 -15.34
CA MET A 247 -6.70 6.66 -14.36
C MET A 247 -6.30 7.07 -12.94
N MET A 248 -5.09 7.62 -12.79
CA MET A 248 -4.64 8.02 -11.46
C MET A 248 -5.46 9.19 -10.93
N GLN A 249 -5.75 10.18 -11.79
CA GLN A 249 -6.51 11.34 -11.35
C GLN A 249 -7.96 10.99 -11.02
N ALA A 250 -8.57 10.11 -11.81
CA ALA A 250 -9.98 9.76 -11.63
C ALA A 250 -10.20 8.69 -10.56
N GLU A 251 -9.13 8.15 -9.97
CA GLU A 251 -9.23 7.12 -8.95
C GLU A 251 -8.97 7.74 -7.57
N GLU A 252 -9.86 7.47 -6.63
CA GLU A 252 -9.72 7.93 -5.26
C GLU A 252 -9.65 6.73 -4.32
N ALA A 253 -9.07 6.95 -3.15
CA ALA A 253 -8.94 5.87 -2.17
C ALA A 253 -10.31 5.50 -1.63
N PRO A 254 -10.73 4.24 -1.75
CA PRO A 254 -12.05 3.86 -1.23
C PRO A 254 -12.11 3.95 0.28
N LYS A 255 -13.32 4.20 0.79
CA LYS A 255 -13.52 4.30 2.22
C LYS A 255 -13.25 2.97 2.89
N THR A 256 -12.54 3.01 4.02
CA THR A 256 -12.17 1.80 4.72
C THR A 256 -13.41 1.16 5.37
N PRO A 257 -13.40 -0.17 5.52
CA PRO A 257 -14.52 -0.82 6.23
C PRO A 257 -14.73 -0.29 7.63
N LEU A 258 -13.66 0.08 8.34
CA LEU A 258 -13.82 0.72 9.64
C LEU A 258 -14.56 2.03 9.51
N GLN A 259 -14.21 2.84 8.50
CA GLN A 259 -14.90 4.11 8.29
C GLN A 259 -16.36 3.89 7.91
N LYS A 260 -16.64 2.89 7.09
CA LYS A 260 -18.02 2.58 6.72
C LYS A 260 -18.82 2.15 7.95
N SER A 261 -18.23 1.31 8.81
CA SER A 261 -18.91 0.89 10.02
C SER A 261 -19.17 2.06 10.96
N MET A 262 -18.18 2.95 11.10
CA MET A 262 -18.36 4.13 11.94
C MET A 262 -19.46 5.03 11.39
N ASP A 263 -19.52 5.21 10.07
CA ASP A 263 -20.56 6.03 9.47
C ASP A 263 -21.93 5.41 9.67
N LEU A 264 -22.03 4.08 9.51
CA LEU A 264 -23.31 3.41 9.74
C LEU A 264 -23.75 3.55 11.19
N LEU A 265 -22.82 3.37 12.14
CA LEU A 265 -23.16 3.54 13.54
C LEU A 265 -23.58 4.96 13.84
N GLY A 266 -22.89 5.94 13.26
CA GLY A 266 -23.26 7.33 13.49
C GLY A 266 -24.63 7.67 12.94
N LYS A 267 -24.95 7.19 11.73
CA LYS A 267 -26.26 7.48 11.16
C LYS A 267 -27.36 6.76 11.93
N GLN A 268 -27.11 5.53 12.38
CA GLN A 268 -28.10 4.84 13.20
C GLN A 268 -28.34 5.57 14.52
N LEU A 269 -27.25 6.02 15.16
CA LEU A 269 -27.39 6.77 16.40
C LEU A 269 -28.14 8.08 16.18
N SER A 270 -27.85 8.76 15.07
CA SER A 270 -28.54 10.01 14.76
C SER A 270 -30.03 9.78 14.55
N PHE A 271 -30.39 8.74 13.80
CA PHE A 271 -31.80 8.43 13.58
C PHE A 271 -32.50 8.07 14.89
N TYR A 272 -31.85 7.25 15.72
CA TYR A 272 -32.45 6.87 16.99
C TYR A 272 -32.63 8.07 17.89
N SER A 273 -31.62 8.96 17.96
CA SER A 273 -31.73 10.15 18.78
C SER A 273 -32.82 11.09 18.28
N PHE A 274 -32.93 11.25 16.96
CA PHE A 274 -33.97 12.10 16.41
C PHE A 274 -35.36 11.56 16.74
N GLY A 275 -35.55 10.25 16.56
CA GLY A 275 -36.84 9.66 16.92
C GLY A 275 -37.14 9.78 18.40
N ILE A 276 -36.13 9.56 19.24
CA ILE A 276 -36.32 9.63 20.69
C ILE A 276 -36.69 11.04 21.11
N ILE A 277 -35.99 12.04 20.59
CA ILE A 277 -36.28 13.42 20.97
C ILE A 277 -37.65 13.84 20.44
N GLY A 278 -38.02 13.36 19.25
CA GLY A 278 -39.34 13.68 18.72
C GLY A 278 -40.46 13.10 19.57
N ILE A 279 -40.34 11.83 19.95
CA ILE A 279 -41.38 11.23 20.78
C ILE A 279 -41.38 11.84 22.17
N ILE A 280 -40.20 12.24 22.68
CA ILE A 280 -40.13 12.88 23.98
C ILE A 280 -40.87 14.22 23.95
N MET A 281 -40.62 15.01 22.91
CA MET A 281 -41.34 16.27 22.76
C MET A 281 -42.84 16.04 22.62
N LEU A 282 -43.24 15.02 21.85
CA LEU A 282 -44.66 14.76 21.65
C LEU A 282 -45.34 14.38 22.96
N VAL A 283 -44.73 13.47 23.73
CA VAL A 283 -45.35 13.05 24.98
C VAL A 283 -45.33 14.17 26.02
N GLY A 284 -44.30 15.02 26.00
CA GLY A 284 -44.29 16.16 26.89
C GLY A 284 -45.37 17.16 26.56
N TRP A 285 -45.59 17.42 25.26
CA TRP A 285 -46.64 18.34 24.87
C TRP A 285 -48.03 17.77 25.14
N LEU A 286 -48.17 16.45 25.04
CA LEU A 286 -49.48 15.84 25.32
C LEU A 286 -49.88 16.07 26.77
N LEU A 287 -48.95 15.90 27.71
CA LEU A 287 -49.26 16.14 29.12
C LEU A 287 -49.31 17.63 29.44
N GLY A 288 -48.45 18.43 28.82
CA GLY A 288 -48.43 19.86 29.08
C GLY A 288 -47.27 20.28 29.95
N LYS A 289 -46.28 20.95 29.36
CA LYS A 289 -45.10 21.41 30.08
C LYS A 289 -44.74 22.81 29.62
N ASP A 290 -44.03 23.52 30.48
CA ASP A 290 -43.59 24.88 30.16
C ASP A 290 -42.57 24.84 29.02
N ILE A 291 -42.65 25.85 28.14
CA ILE A 291 -41.80 25.87 26.95
C ILE A 291 -40.33 26.00 27.34
N LEU A 292 -40.04 26.77 28.40
CA LEU A 292 -38.65 26.91 28.85
C LEU A 292 -38.10 25.58 29.33
N GLU A 293 -38.88 24.85 30.14
CA GLU A 293 -38.44 23.55 30.60
C GLU A 293 -38.35 22.54 29.45
N MET A 294 -39.26 22.63 28.48
CA MET A 294 -39.17 21.78 27.31
C MET A 294 -37.87 22.02 26.55
N PHE A 295 -37.51 23.29 26.34
CA PHE A 295 -36.26 23.60 25.65
C PHE A 295 -35.05 23.13 26.45
N THR A 296 -35.08 23.30 27.76
CA THR A 296 -33.97 22.83 28.59
C THR A 296 -33.82 21.32 28.51
N ILE A 297 -34.94 20.59 28.56
CA ILE A 297 -34.89 19.13 28.47
C ILE A 297 -34.38 18.72 27.09
N SER A 298 -34.83 19.41 26.04
CA SER A 298 -34.38 19.09 24.69
C SER A 298 -32.87 19.29 24.55
N VAL A 299 -32.35 20.38 25.11
CA VAL A 299 -30.91 20.60 25.11
C VAL A 299 -30.20 19.51 25.89
N SER A 300 -30.81 19.06 26.99
CA SER A 300 -30.22 17.99 27.79
C SER A 300 -30.07 16.71 26.96
N LEU A 301 -31.15 16.28 26.29
CA LEU A 301 -31.05 15.07 25.48
C LEU A 301 -30.13 15.28 24.28
N ALA A 302 -30.10 16.48 23.71
CA ALA A 302 -29.20 16.76 22.60
C ALA A 302 -27.75 16.61 23.02
N VAL A 303 -27.40 17.11 24.20
CA VAL A 303 -26.03 16.98 24.69
C VAL A 303 -25.72 15.53 25.03
N ALA A 304 -26.65 14.84 25.68
CA ALA A 304 -26.41 13.46 26.10
C ALA A 304 -26.47 12.46 24.96
N ALA A 305 -26.97 12.86 23.78
CA ALA A 305 -27.14 11.93 22.68
C ALA A 305 -25.86 11.71 21.88
N ILE A 306 -24.96 12.69 21.88
CA ILE A 306 -23.78 12.67 21.02
C ILE A 306 -22.57 12.32 21.90
N PRO A 307 -21.95 11.15 21.72
CA PRO A 307 -20.69 10.87 22.43
C PRO A 307 -19.54 11.67 21.84
N GLU A 308 -19.12 12.71 22.54
CA GLU A 308 -18.11 13.62 22.01
C GLU A 308 -16.70 13.05 22.08
N GLY A 309 -16.39 12.26 23.11
CA GLY A 309 -15.04 11.77 23.31
C GLY A 309 -14.64 10.58 22.46
N LEU A 310 -15.60 9.92 21.82
CA LEU A 310 -15.28 8.74 21.02
C LEU A 310 -14.35 9.04 19.86
N PRO A 311 -14.60 10.04 19.00
CA PRO A 311 -13.62 10.32 17.92
C PRO A 311 -12.26 10.74 18.46
N ILE A 312 -12.24 11.49 19.56
CA ILE A 312 -10.96 11.93 20.14
C ILE A 312 -10.16 10.72 20.60
N VAL A 313 -10.80 9.79 21.30
CA VAL A 313 -10.11 8.60 21.77
C VAL A 313 -9.65 7.75 20.60
N VAL A 314 -10.49 7.60 19.58
CA VAL A 314 -10.11 6.81 18.40
C VAL A 314 -8.88 7.42 17.74
N THR A 315 -8.89 8.73 17.53
CA THR A 315 -7.75 9.39 16.89
C THR A 315 -6.50 9.26 17.74
N VAL A 316 -6.61 9.44 19.05
CA VAL A 316 -5.44 9.38 19.91
C VAL A 316 -4.84 7.97 19.91
N THR A 317 -5.67 6.95 20.04
CA THR A 317 -5.15 5.59 20.09
C THR A 317 -4.57 5.16 18.75
N LEU A 318 -5.20 5.59 17.63
CA LEU A 318 -4.65 5.25 16.33
C LEU A 318 -3.34 5.98 16.07
N ALA A 319 -3.22 7.23 16.52
CA ALA A 319 -1.96 7.95 16.40
C ALA A 319 -0.87 7.30 17.25
N LEU A 320 -1.23 6.84 18.45
CA LEU A 320 -0.26 6.15 19.28
C LEU A 320 0.21 4.86 18.63
N GLY A 321 -0.71 4.11 18.03
CA GLY A 321 -0.31 2.92 17.28
C GLY A 321 0.56 3.24 16.09
N VAL A 322 0.27 4.35 15.40
CA VAL A 322 1.07 4.77 14.26
C VAL A 322 2.49 5.10 14.71
N MET A 323 2.62 5.82 15.83
CA MET A 323 3.95 6.14 16.34
C MET A 323 4.69 4.88 16.79
N ARG A 324 3.97 3.94 17.41
CA ARG A 324 4.60 2.69 17.84
C ARG A 324 5.12 1.90 16.64
N MET A 325 4.34 1.85 15.55
CA MET A 325 4.81 1.18 14.35
C MET A 325 5.93 1.96 13.66
N VAL A 326 5.94 3.29 13.82
CA VAL A 326 7.06 4.09 13.32
C VAL A 326 8.34 3.69 14.05
N LYS A 327 8.26 3.50 15.37
CA LYS A 327 9.36 2.92 16.11
C LYS A 327 9.76 1.55 15.56
N LYS A 328 8.79 0.79 15.06
CA LYS A 328 9.04 -0.52 14.47
C LYS A 328 9.40 -0.43 12.98
N ARG A 329 9.92 0.71 12.53
CA ARG A 329 10.35 0.91 11.15
C ARG A 329 9.19 0.74 10.16
N ALA A 330 8.17 1.60 10.34
CA ALA A 330 7.02 1.58 9.44
C ALA A 330 6.38 2.97 9.49
N ILE A 331 6.54 3.73 8.42
CA ILE A 331 5.99 5.08 8.34
C ILE A 331 4.53 4.99 7.92
N VAL A 332 3.65 5.59 8.72
CA VAL A 332 2.21 5.58 8.47
C VAL A 332 1.74 7.03 8.39
N LYS A 333 0.94 7.33 7.37
CA LYS A 333 0.44 8.69 7.15
C LYS A 333 -1.04 8.85 7.46
N LYS A 334 -1.86 7.81 7.30
CA LYS A 334 -3.28 7.91 7.59
C LYS A 334 -3.72 6.75 8.48
N LEU A 335 -4.66 7.04 9.37
CA LEU A 335 -5.08 6.14 10.44
C LEU A 335 -6.03 5.04 9.97
N PRO A 336 -7.17 5.36 9.33
CA PRO A 336 -8.12 4.29 9.00
C PRO A 336 -7.61 3.34 7.95
N ILE A 337 -6.77 3.81 7.02
CA ILE A 337 -6.26 2.93 5.98
C ILE A 337 -5.33 1.88 6.58
N VAL A 338 -4.46 2.28 7.50
CA VAL A 338 -3.62 1.28 8.16
C VAL A 338 -4.46 0.40 9.10
N GLU A 339 -5.54 0.96 9.66
CA GLU A 339 -6.41 0.14 10.51
C GLU A 339 -7.06 -0.98 9.72
N THR A 340 -7.56 -0.68 8.52
CA THR A 340 -8.13 -1.72 7.68
C THR A 340 -7.07 -2.61 7.03
N LEU A 341 -5.85 -2.11 6.86
CA LEU A 341 -4.75 -2.98 6.46
C LEU A 341 -4.46 -4.02 7.54
N GLY A 342 -4.59 -3.64 8.81
CA GLY A 342 -4.40 -4.58 9.89
C GLY A 342 -5.36 -5.75 9.87
N CYS A 343 -6.46 -5.64 9.13
CA CYS A 343 -7.42 -6.72 8.96
C CYS A 343 -7.58 -7.09 7.48
N CYS A 344 -6.52 -6.94 6.70
CA CYS A 344 -6.57 -7.21 5.28
C CYS A 344 -6.71 -8.72 5.01
N ASN A 345 -7.16 -9.04 3.81
CA ASN A 345 -7.38 -10.42 3.38
C ASN A 345 -6.43 -10.86 2.28
N VAL A 346 -6.37 -10.09 1.19
CA VAL A 346 -5.52 -10.45 0.04
C VAL A 346 -4.35 -9.48 -0.02
N ILE A 347 -3.20 -10.01 -0.45
CA ILE A 347 -1.98 -9.22 -0.59
C ILE A 347 -1.44 -9.44 -1.99
N CYS A 348 -1.25 -8.34 -2.73
CA CYS A 348 -0.66 -8.38 -4.06
C CYS A 348 0.62 -7.58 -4.05
N SER A 349 1.71 -8.18 -4.54
CA SER A 349 3.02 -7.56 -4.52
C SER A 349 3.70 -7.73 -5.87
N ASP A 350 4.41 -6.68 -6.30
CA ASP A 350 5.20 -6.76 -7.52
C ASP A 350 6.42 -7.64 -7.30
N LYS A 351 6.94 -8.21 -8.39
CA LYS A 351 8.07 -9.11 -8.31
C LYS A 351 9.40 -8.41 -8.59
N THR A 352 9.43 -7.60 -9.65
CA THR A 352 10.70 -7.00 -10.08
C THR A 352 11.27 -6.06 -9.02
N GLY A 353 10.42 -5.22 -8.42
CA GLY A 353 10.91 -4.21 -7.51
C GLY A 353 10.70 -4.49 -6.04
N THR A 354 9.81 -5.42 -5.70
CA THR A 354 9.53 -5.70 -4.29
C THR A 354 10.02 -7.08 -3.88
N LEU A 355 9.56 -8.11 -4.60
CA LEU A 355 9.96 -9.48 -4.28
C LEU A 355 11.44 -9.71 -4.62
N THR A 356 11.79 -9.52 -5.90
CA THR A 356 13.19 -9.55 -6.29
C THR A 356 13.81 -8.17 -6.06
N LYS A 357 15.12 -8.16 -5.80
CA LYS A 357 15.85 -6.94 -5.49
C LYS A 357 16.42 -6.26 -6.74
N ASN A 358 15.99 -6.70 -7.92
CA ASN A 358 16.41 -6.10 -9.19
C ASN A 358 17.93 -6.13 -9.34
N GLU A 359 18.47 -7.35 -9.21
CA GLU A 359 19.91 -7.55 -9.33
C GLU A 359 20.12 -8.94 -9.96
N MET A 360 20.52 -8.94 -11.22
CA MET A 360 20.75 -10.20 -11.95
C MET A 360 21.87 -10.99 -11.30
N THR A 361 21.64 -12.28 -11.10
CA THR A 361 22.60 -13.16 -10.46
C THR A 361 22.60 -14.50 -11.18
N VAL A 362 23.80 -15.03 -11.45
CA VAL A 362 23.91 -16.34 -12.08
C VAL A 362 23.62 -17.43 -11.07
N THR A 363 22.69 -18.31 -11.41
CA THR A 363 22.29 -19.39 -10.51
C THR A 363 22.60 -20.79 -11.03
N HIS A 364 22.68 -20.97 -12.35
CA HIS A 364 22.94 -22.28 -12.93
C HIS A 364 24.05 -22.17 -13.96
N ILE A 365 24.99 -23.12 -13.93
CA ILE A 365 26.08 -23.20 -14.88
C ILE A 365 26.09 -24.58 -15.50
N PHE A 366 26.12 -24.63 -16.83
CA PHE A 366 26.18 -25.88 -17.58
C PHE A 366 27.47 -25.87 -18.39
N THR A 367 28.19 -26.99 -18.35
CA THR A 367 29.46 -27.10 -19.05
C THR A 367 29.31 -27.95 -20.31
N SER A 368 30.32 -27.88 -21.17
CA SER A 368 30.34 -28.70 -22.38
C SER A 368 30.39 -30.19 -22.05
N ASP A 369 31.14 -30.57 -21.03
CA ASP A 369 31.21 -31.96 -20.60
C ASP A 369 29.87 -32.50 -20.12
N GLY A 370 28.97 -31.64 -19.66
CA GLY A 370 27.68 -32.07 -19.17
C GLY A 370 27.46 -31.88 -17.69
N LEU A 371 28.36 -31.20 -16.99
CA LEU A 371 28.20 -30.99 -15.56
C LEU A 371 27.28 -29.82 -15.28
N HIS A 372 26.50 -29.94 -14.22
CA HIS A 372 25.56 -28.90 -13.80
C HIS A 372 26.04 -28.31 -12.48
N ALA A 373 26.20 -26.99 -12.45
CA ALA A 373 26.68 -26.28 -11.27
C ALA A 373 25.63 -25.30 -10.78
N GLU A 374 25.38 -25.31 -9.47
CA GLU A 374 24.44 -24.41 -8.84
C GLU A 374 25.20 -23.35 -8.03
N VAL A 375 24.82 -22.09 -8.21
CA VAL A 375 25.49 -20.96 -7.58
C VAL A 375 24.55 -20.37 -6.54
N THR A 376 25.03 -20.26 -5.30
CA THR A 376 24.27 -19.64 -4.23
C THR A 376 24.66 -18.17 -4.08
N GLY A 377 23.92 -17.48 -3.23
CA GLY A 377 24.16 -16.07 -2.99
C GLY A 377 23.31 -15.18 -3.90
N VAL A 378 22.96 -14.01 -3.36
CA VAL A 378 22.12 -13.04 -4.06
C VAL A 378 22.81 -11.69 -4.04
N GLY A 379 22.87 -11.04 -5.20
CA GLY A 379 23.42 -9.71 -5.29
C GLY A 379 24.84 -9.69 -5.82
N TYR A 380 25.33 -8.46 -6.02
CA TYR A 380 26.69 -8.24 -6.53
C TYR A 380 27.69 -8.20 -5.36
N ASN A 381 27.77 -9.33 -4.66
CA ASN A 381 28.64 -9.48 -3.51
C ASN A 381 29.29 -10.85 -3.55
N GLN A 382 30.42 -10.98 -2.85
CA GLN A 382 31.16 -12.23 -2.79
C GLN A 382 30.48 -13.29 -1.95
N PHE A 383 29.41 -12.96 -1.24
CA PHE A 383 28.64 -13.93 -0.48
C PHE A 383 27.97 -14.90 -1.44
N GLY A 384 28.26 -16.19 -1.29
CA GLY A 384 27.71 -17.20 -2.17
C GLY A 384 28.73 -18.23 -2.61
N GLU A 385 28.29 -19.45 -2.87
CA GLU A 385 29.17 -20.54 -3.24
C GLU A 385 28.66 -21.20 -4.51
N VAL A 386 29.60 -21.75 -5.29
CA VAL A 386 29.28 -22.52 -6.49
C VAL A 386 29.50 -23.98 -6.18
N ILE A 387 28.43 -24.78 -6.26
CA ILE A 387 28.47 -26.20 -5.91
C ILE A 387 28.29 -27.02 -7.18
N VAL A 388 29.09 -28.07 -7.31
CA VAL A 388 28.97 -29.04 -8.39
C VAL A 388 28.92 -30.43 -7.76
N ASP A 389 27.80 -31.13 -7.96
CA ASP A 389 27.59 -32.46 -7.39
C ASP A 389 27.73 -32.45 -5.87
N GLY A 390 27.30 -31.36 -5.24
CA GLY A 390 27.36 -31.21 -3.80
C GLY A 390 28.70 -30.78 -3.26
N ASP A 391 29.68 -30.52 -4.12
CA ASP A 391 31.01 -30.11 -3.70
C ASP A 391 31.24 -28.65 -4.04
N VAL A 392 31.73 -27.89 -3.06
CA VAL A 392 32.02 -26.47 -3.25
C VAL A 392 33.32 -26.34 -4.02
N VAL A 393 33.29 -25.58 -5.11
CA VAL A 393 34.45 -25.39 -5.98
C VAL A 393 34.92 -23.95 -5.84
N HIS A 394 36.20 -23.79 -5.51
CA HIS A 394 36.81 -22.47 -5.32
C HIS A 394 38.04 -22.35 -6.20
N GLY A 395 38.24 -21.16 -6.75
CA GLY A 395 39.40 -20.92 -7.61
C GLY A 395 39.35 -21.77 -8.86
N PHE A 396 40.49 -22.35 -9.22
CA PHE A 396 40.61 -23.18 -10.40
C PHE A 396 40.49 -24.67 -10.08
N TYR A 397 39.70 -25.03 -9.07
CA TYR A 397 39.53 -26.41 -8.66
C TYR A 397 38.92 -27.25 -9.78
N ASN A 398 37.86 -26.73 -10.42
CA ASN A 398 37.23 -27.42 -11.54
C ASN A 398 37.55 -26.68 -12.83
N PRO A 399 38.38 -27.25 -13.70
CA PRO A 399 38.75 -26.54 -14.94
C PRO A 399 37.57 -26.16 -15.81
N ALA A 400 36.55 -27.01 -15.89
CA ALA A 400 35.42 -26.75 -16.78
C ALA A 400 34.69 -25.47 -16.38
N VAL A 401 34.29 -25.38 -15.11
CA VAL A 401 33.59 -24.19 -14.62
C VAL A 401 34.53 -22.99 -14.61
N SER A 402 35.80 -23.22 -14.28
CA SER A 402 36.76 -22.12 -14.21
C SER A 402 36.97 -21.47 -15.57
N ARG A 403 36.97 -22.24 -16.65
CA ARG A 403 37.12 -21.66 -17.98
C ARG A 403 35.94 -20.76 -18.34
N ILE A 404 34.72 -21.20 -18.02
CA ILE A 404 33.54 -20.37 -18.26
C ILE A 404 33.61 -19.09 -17.43
N VAL A 405 34.02 -19.22 -16.17
CA VAL A 405 34.13 -18.05 -15.30
C VAL A 405 35.16 -17.08 -15.85
N GLU A 406 36.31 -17.59 -16.30
CA GLU A 406 37.34 -16.75 -16.89
C GLU A 406 36.83 -16.04 -18.13
N ALA A 407 36.13 -16.77 -19.00
CA ALA A 407 35.59 -16.17 -20.22
C ALA A 407 34.59 -15.07 -19.90
N GLY A 408 33.74 -15.29 -18.90
CA GLY A 408 32.79 -14.26 -18.51
C GLY A 408 33.43 -13.09 -17.78
N CYS A 409 34.60 -13.31 -17.18
CA CYS A 409 35.26 -12.27 -16.39
C CYS A 409 36.15 -11.36 -17.23
N VAL A 410 37.03 -11.93 -18.05
CA VAL A 410 37.93 -11.09 -18.84
C VAL A 410 37.16 -10.36 -19.94
N CYS A 411 36.19 -11.03 -20.56
CA CYS A 411 35.35 -10.42 -21.59
C CYS A 411 34.17 -9.69 -20.94
N ASN A 412 34.51 -8.69 -20.13
CA ASN A 412 33.51 -8.01 -19.33
C ASN A 412 33.90 -6.55 -19.17
N ASP A 413 33.01 -5.65 -19.60
CA ASP A 413 33.20 -4.22 -19.43
C ASP A 413 32.57 -3.69 -18.15
N ALA A 414 31.82 -4.51 -17.43
CA ALA A 414 31.18 -4.07 -16.20
C ALA A 414 32.13 -4.14 -15.02
N VAL A 415 32.09 -3.12 -14.18
CA VAL A 415 32.93 -3.03 -12.99
C VAL A 415 32.03 -2.83 -11.78
N ILE A 416 32.24 -3.64 -10.74
CA ILE A 416 31.46 -3.57 -9.51
C ILE A 416 32.31 -2.87 -8.45
N ARG A 417 31.84 -1.72 -7.99
CA ARG A 417 32.51 -0.95 -6.95
C ARG A 417 31.57 -0.80 -5.76
N ASN A 418 32.09 -1.12 -4.56
CA ASN A 418 31.36 -1.05 -3.29
C ASN A 418 29.89 -1.46 -3.43
N ASN A 419 29.67 -2.64 -4.02
CA ASN A 419 28.38 -3.29 -4.17
C ASN A 419 27.43 -2.54 -5.11
N THR A 420 27.93 -1.59 -5.90
CA THR A 420 27.13 -0.93 -6.92
C THR A 420 27.71 -1.26 -8.30
N LEU A 421 26.84 -1.69 -9.20
CA LEU A 421 27.26 -2.15 -10.53
C LEU A 421 27.23 -1.00 -11.52
N MET A 422 28.29 -0.87 -12.30
CA MET A 422 28.36 0.08 -13.41
C MET A 422 28.43 -0.70 -14.71
N GLY A 423 27.32 -0.77 -15.42
CA GLY A 423 27.24 -1.50 -16.67
C GLY A 423 25.97 -2.33 -16.77
N LYS A 424 25.99 -3.27 -17.72
CA LYS A 424 24.84 -4.12 -17.99
C LYS A 424 24.61 -5.11 -16.84
N PRO A 425 23.35 -5.32 -16.44
CA PRO A 425 23.09 -6.24 -15.33
C PRO A 425 23.55 -7.66 -15.58
N THR A 426 23.42 -8.15 -16.82
CA THR A 426 23.90 -9.49 -17.14
C THR A 426 25.40 -9.60 -16.98
N GLU A 427 26.14 -8.58 -17.42
CA GLU A 427 27.59 -8.55 -17.21
C GLU A 427 27.94 -8.49 -15.73
N GLY A 428 27.18 -7.71 -14.96
CA GLY A 428 27.39 -7.68 -13.52
C GLY A 428 27.14 -9.02 -12.86
N ALA A 429 26.19 -9.79 -13.40
CA ALA A 429 25.96 -11.12 -12.88
C ALA A 429 27.18 -12.01 -13.06
N LEU A 430 27.82 -11.95 -14.23
CA LEU A 430 29.03 -12.72 -14.45
C LEU A 430 30.17 -12.23 -13.58
N ILE A 431 30.28 -10.91 -13.39
CA ILE A 431 31.32 -10.38 -12.52
C ILE A 431 31.13 -10.87 -11.09
N ALA A 432 29.88 -10.86 -10.60
CA ALA A 432 29.59 -11.34 -9.26
C ALA A 432 29.87 -12.84 -9.15
N LEU A 433 29.54 -13.60 -10.19
CA LEU A 433 29.83 -15.04 -10.18
C LEU A 433 31.33 -15.28 -10.10
N ALA A 434 32.11 -14.52 -10.85
CA ALA A 434 33.57 -14.67 -10.80
C ALA A 434 34.10 -14.28 -9.43
N MET A 435 33.56 -13.21 -8.83
CA MET A 435 34.03 -12.76 -7.52
C MET A 435 33.69 -13.76 -6.43
N LYS A 436 32.53 -14.41 -6.54
CA LYS A 436 32.16 -15.44 -5.56
C LYS A 436 33.13 -16.61 -5.58
N MET A 437 33.71 -16.90 -6.75
CA MET A 437 34.64 -18.01 -6.89
C MET A 437 36.06 -17.64 -6.50
N GLY A 438 36.31 -16.40 -6.09
CA GLY A 438 37.65 -15.97 -5.77
C GLY A 438 38.45 -15.48 -6.94
N LEU A 439 37.79 -15.20 -8.08
CA LEU A 439 38.45 -14.74 -9.30
C LEU A 439 38.11 -13.28 -9.58
N ASP A 440 38.03 -12.47 -8.52
CA ASP A 440 37.67 -11.06 -8.71
C ASP A 440 38.76 -10.27 -9.41
N GLY A 441 40.01 -10.71 -9.29
CA GLY A 441 41.14 -10.04 -9.91
C GLY A 441 41.65 -10.66 -11.19
N LEU A 442 40.84 -11.50 -11.85
CA LEU A 442 41.32 -12.19 -13.04
C LEU A 442 41.36 -11.27 -14.26
N GLN A 443 40.50 -10.25 -14.31
CA GLN A 443 40.46 -9.37 -15.48
C GLN A 443 41.74 -8.56 -15.61
N GLN A 444 42.33 -8.16 -14.48
CA GLN A 444 43.56 -7.38 -14.53
C GLN A 444 44.75 -8.20 -15.03
N ASP A 445 44.64 -9.53 -15.03
CA ASP A 445 45.73 -10.38 -15.48
C ASP A 445 45.84 -10.48 -16.99
N TYR A 446 44.87 -9.96 -17.73
CA TYR A 446 44.86 -10.03 -19.19
C TYR A 446 44.84 -8.63 -19.78
N ILE A 447 45.57 -8.46 -20.88
CA ILE A 447 45.65 -7.19 -21.59
C ILE A 447 44.88 -7.33 -22.89
N ARG A 448 43.80 -6.57 -23.03
CA ARG A 448 42.94 -6.65 -24.20
C ARG A 448 43.60 -5.92 -25.37
N LYS A 449 43.67 -6.60 -26.52
CA LYS A 449 44.25 -6.01 -27.72
C LYS A 449 43.19 -5.53 -28.71
N ALA A 450 42.17 -6.35 -28.97
CA ALA A 450 41.09 -5.98 -29.87
C ALA A 450 39.77 -6.21 -29.17
N GLU A 451 38.83 -5.28 -29.38
CA GLU A 451 37.52 -5.34 -28.74
C GLU A 451 36.42 -5.32 -29.78
N TYR A 452 35.51 -6.28 -29.67
CA TYR A 452 34.30 -6.32 -30.50
C TYR A 452 33.11 -6.10 -29.57
N PRO A 453 32.26 -5.12 -29.83
CA PRO A 453 31.24 -4.74 -28.84
C PRO A 453 29.93 -5.49 -28.98
N PHE A 454 29.08 -5.29 -27.97
CA PHE A 454 27.77 -5.94 -27.91
C PHE A 454 26.75 -5.03 -28.56
N SER A 455 26.18 -5.49 -29.68
CA SER A 455 25.20 -4.72 -30.43
C SER A 455 23.93 -5.55 -30.64
N SER A 456 22.80 -4.85 -30.76
CA SER A 456 21.54 -5.53 -30.98
C SER A 456 21.51 -6.24 -32.32
N GLU A 457 22.35 -5.81 -33.27
CA GLU A 457 22.41 -6.49 -34.56
C GLU A 457 23.19 -7.79 -34.47
N GLN A 458 24.21 -7.83 -33.61
CA GLN A 458 25.09 -8.99 -33.56
C GLN A 458 24.79 -9.90 -32.38
N LYS A 459 24.42 -9.34 -31.22
CA LYS A 459 24.10 -10.11 -30.01
C LYS A 459 25.27 -10.99 -29.56
N TRP A 460 26.50 -10.49 -29.68
CA TRP A 460 27.66 -11.20 -29.16
C TRP A 460 28.80 -10.22 -28.94
N MET A 461 29.60 -10.52 -27.91
CA MET A 461 30.69 -9.67 -27.47
C MET A 461 31.97 -10.49 -27.34
N ALA A 462 33.04 -10.01 -27.95
CA ALA A 462 34.31 -10.73 -27.94
C ALA A 462 35.47 -9.76 -27.74
N VAL A 463 36.55 -10.26 -27.15
CA VAL A 463 37.77 -9.50 -26.92
C VAL A 463 38.97 -10.41 -27.21
N LYS A 464 40.03 -9.82 -27.74
CA LYS A 464 41.29 -10.52 -27.96
C LYS A 464 42.31 -10.04 -26.94
N CYS A 465 42.76 -10.95 -26.07
CA CYS A 465 43.64 -10.59 -24.97
C CYS A 465 44.79 -11.58 -24.89
N VAL A 466 45.88 -11.11 -24.30
CA VAL A 466 47.06 -11.94 -24.01
C VAL A 466 47.38 -11.78 -22.53
N HIS A 467 48.02 -12.80 -21.97
CA HIS A 467 48.35 -12.79 -20.55
C HIS A 467 49.37 -11.70 -20.26
N ARG A 468 49.19 -11.01 -19.13
CA ARG A 468 50.04 -9.87 -18.81
C ARG A 468 51.49 -10.29 -18.59
N THR A 469 51.71 -11.33 -17.77
CA THR A 469 53.05 -11.80 -17.48
C THR A 469 53.54 -12.86 -18.46
N GLN A 470 52.69 -13.27 -19.41
CA GLN A 470 53.04 -14.30 -20.39
C GLN A 470 52.65 -13.81 -21.78
N GLN A 471 53.07 -12.59 -22.12
CA GLN A 471 52.72 -11.96 -23.38
C GLN A 471 53.13 -12.78 -24.59
N ASP A 472 54.20 -13.57 -24.49
CA ASP A 472 54.67 -14.34 -25.65
C ASP A 472 53.80 -15.55 -25.95
N ARG A 473 52.87 -15.91 -25.05
CA ARG A 473 51.89 -16.93 -25.38
C ARG A 473 51.00 -16.46 -26.53
N PRO A 474 50.46 -17.41 -27.32
CA PRO A 474 49.59 -17.02 -28.43
C PRO A 474 48.32 -16.34 -27.93
N GLU A 475 47.78 -15.47 -28.78
CA GLU A 475 46.58 -14.71 -28.42
C GLU A 475 45.39 -15.64 -28.23
N ILE A 476 44.58 -15.35 -27.21
CA ILE A 476 43.40 -16.13 -26.87
C ILE A 476 42.18 -15.22 -26.97
N CYS A 477 41.14 -15.70 -27.64
CA CYS A 477 39.94 -14.91 -27.88
C CYS A 477 38.79 -15.46 -27.06
N PHE A 478 38.05 -14.58 -26.39
CA PHE A 478 36.91 -14.93 -25.57
C PHE A 478 35.67 -14.23 -26.09
N MET A 479 34.60 -14.99 -26.33
CA MET A 479 33.36 -14.40 -26.83
C MET A 479 32.21 -14.83 -25.94
N LYS A 480 31.29 -13.90 -25.68
CA LYS A 480 30.03 -14.20 -25.02
C LYS A 480 28.88 -13.63 -25.84
N GLY A 481 27.72 -14.27 -25.72
CA GLY A 481 26.57 -13.81 -26.47
C GLY A 481 25.50 -14.88 -26.51
N ALA A 482 24.53 -14.66 -27.40
CA ALA A 482 23.43 -15.61 -27.56
C ALA A 482 23.95 -16.93 -28.10
N TYR A 483 23.28 -18.02 -27.69
CA TYR A 483 23.74 -19.36 -28.06
C TYR A 483 23.72 -19.56 -29.58
N GLU A 484 22.66 -19.07 -30.24
CA GLU A 484 22.53 -19.26 -31.68
C GLU A 484 23.68 -18.62 -32.44
N GLN A 485 24.09 -17.42 -32.05
CA GLN A 485 25.20 -16.73 -32.70
C GLN A 485 26.55 -17.24 -32.23
N VAL A 486 26.66 -17.64 -30.96
CA VAL A 486 27.95 -18.11 -30.43
C VAL A 486 28.32 -19.45 -31.06
N ILE A 487 27.35 -20.37 -31.16
CA ILE A 487 27.65 -21.71 -31.65
C ILE A 487 28.12 -21.71 -33.09
N LYS A 488 27.87 -20.64 -33.85
CA LYS A 488 28.36 -20.57 -35.21
C LYS A 488 29.88 -20.52 -35.26
N TYR A 489 30.49 -19.78 -34.33
CA TYR A 489 31.94 -19.62 -34.31
C TYR A 489 32.60 -20.77 -33.56
N CYS A 490 31.81 -21.66 -32.98
CA CYS A 490 32.33 -22.78 -32.21
C CYS A 490 32.50 -23.99 -33.12
N THR A 491 33.69 -24.60 -33.07
CA THR A 491 33.97 -25.80 -33.84
C THR A 491 34.36 -27.00 -32.98
N THR A 492 34.89 -26.77 -31.77
CA THR A 492 35.31 -27.83 -30.88
C THR A 492 34.72 -27.58 -29.50
N TYR A 493 34.73 -28.62 -28.67
CA TYR A 493 34.30 -28.52 -27.29
C TYR A 493 35.20 -29.39 -26.41
N GLN A 494 35.26 -29.05 -25.13
CA GLN A 494 36.12 -29.73 -24.18
C GLN A 494 35.28 -30.66 -23.30
N SER A 495 35.76 -31.91 -23.16
CA SER A 495 35.09 -32.91 -22.34
C SER A 495 36.14 -33.69 -21.57
N LYS A 496 36.14 -33.53 -20.24
CA LYS A 496 37.08 -34.22 -19.35
C LYS A 496 38.52 -33.93 -19.74
N GLY A 497 38.79 -32.67 -20.10
CA GLY A 497 40.13 -32.24 -20.45
C GLY A 497 40.57 -32.53 -21.86
N GLN A 498 39.73 -33.15 -22.67
CA GLN A 498 40.06 -33.46 -24.06
C GLN A 498 39.22 -32.62 -25.01
N THR A 499 39.85 -32.12 -26.06
CA THR A 499 39.19 -31.28 -27.05
C THR A 499 38.61 -32.15 -28.15
N LEU A 500 37.29 -32.16 -28.26
CA LEU A 500 36.57 -32.96 -29.25
C LEU A 500 35.84 -32.05 -30.23
N THR A 501 35.72 -32.53 -31.46
CA THR A 501 35.04 -31.77 -32.51
C THR A 501 33.55 -31.68 -32.21
N LEU A 502 32.95 -30.54 -32.55
CA LEU A 502 31.52 -30.32 -32.34
C LEU A 502 30.73 -31.20 -33.30
N THR A 503 29.83 -32.01 -32.74
CA THR A 503 28.92 -32.82 -33.55
C THR A 503 27.51 -32.26 -33.47
N GLN A 504 26.65 -32.73 -34.38
CA GLN A 504 25.27 -32.27 -34.40
C GLN A 504 24.52 -32.70 -33.15
N GLN A 505 24.88 -33.86 -32.60
CA GLN A 505 24.26 -34.32 -31.36
C GLN A 505 24.64 -33.41 -30.19
N GLN A 506 25.89 -32.94 -30.16
CA GLN A 506 26.30 -31.99 -29.12
C GLN A 506 25.52 -30.69 -29.24
N ARG A 507 25.33 -30.19 -30.45
CA ARG A 507 24.52 -28.98 -30.63
C ARG A 507 23.08 -29.24 -30.20
N ASP A 508 22.55 -30.44 -30.49
CA ASP A 508 21.19 -30.77 -30.11
C ASP A 508 21.05 -30.76 -28.58
N VAL A 509 21.97 -31.39 -27.87
CA VAL A 509 21.86 -31.45 -26.41
C VAL A 509 22.08 -30.07 -25.80
N TYR A 510 22.97 -29.27 -26.40
CA TYR A 510 23.15 -27.89 -25.93
C TYR A 510 21.87 -27.08 -26.10
N GLN A 511 21.21 -27.23 -27.26
CA GLN A 511 19.93 -26.53 -27.48
C GLN A 511 18.87 -27.01 -26.51
N GLN A 512 18.83 -28.31 -26.22
CA GLN A 512 17.88 -28.84 -25.25
C GLN A 512 18.13 -28.25 -23.87
N GLU A 513 19.40 -28.17 -23.46
CA GLU A 513 19.72 -27.56 -22.17
C GLU A 513 19.35 -26.08 -22.13
N LYS A 514 19.60 -25.37 -23.23
CA LYS A 514 19.23 -23.96 -23.30
C LYS A 514 17.71 -23.79 -23.18
N ALA A 515 16.95 -24.64 -23.87
CA ALA A 515 15.50 -24.57 -23.78
C ALA A 515 15.01 -24.90 -22.37
N ARG A 516 15.64 -25.89 -21.72
CA ARG A 516 15.26 -26.24 -20.36
C ARG A 516 15.52 -25.08 -19.41
N MET A 517 16.68 -24.42 -19.56
CA MET A 517 16.99 -23.28 -18.72
C MET A 517 16.05 -22.11 -18.99
N GLY A 518 15.70 -21.89 -20.25
CA GLY A 518 14.77 -20.82 -20.57
C GLY A 518 13.37 -21.07 -20.03
N SER A 519 12.93 -22.33 -20.03
CA SER A 519 11.63 -22.67 -19.47
C SER A 519 11.58 -22.43 -17.96
N ALA A 520 12.73 -22.42 -17.29
CA ALA A 520 12.81 -22.14 -15.86
C ALA A 520 12.98 -20.65 -15.57
N GLY A 521 12.69 -19.78 -16.53
CA GLY A 521 12.79 -18.36 -16.31
C GLY A 521 14.20 -17.80 -16.31
N LEU A 522 15.19 -18.61 -16.67
CA LEU A 522 16.58 -18.18 -16.65
C LEU A 522 16.98 -17.63 -18.02
N ARG A 523 17.83 -16.60 -17.99
CA ARG A 523 18.38 -16.01 -19.21
C ARG A 523 19.59 -16.82 -19.64
N VAL A 524 19.59 -17.28 -20.89
CA VAL A 524 20.63 -18.15 -21.42
C VAL A 524 21.69 -17.30 -22.10
N LEU A 525 22.93 -17.41 -21.66
CA LEU A 525 24.07 -16.74 -22.27
C LEU A 525 25.15 -17.77 -22.57
N ALA A 526 25.67 -17.74 -23.79
CA ALA A 526 26.68 -18.69 -24.24
C ALA A 526 28.07 -18.06 -24.17
N LEU A 527 29.05 -18.89 -23.84
CA LEU A 527 30.44 -18.45 -23.72
C LEU A 527 31.35 -19.41 -24.49
N ALA A 528 32.36 -18.86 -25.15
CA ALA A 528 33.30 -19.65 -25.93
C ALA A 528 34.66 -18.99 -25.92
N SER A 529 35.69 -19.80 -26.17
CA SER A 529 37.07 -19.31 -26.18
C SER A 529 37.87 -20.09 -27.21
N GLY A 530 38.91 -19.45 -27.74
CA GLY A 530 39.79 -20.08 -28.70
C GLY A 530 40.82 -19.13 -29.26
N PRO A 531 41.69 -19.65 -30.14
CA PRO A 531 42.76 -18.79 -30.66
C PRO A 531 42.27 -17.71 -31.60
N GLU A 532 41.43 -18.04 -32.58
CA GLU A 532 40.96 -17.05 -33.54
C GLU A 532 39.49 -17.29 -33.82
N LEU A 533 38.80 -16.24 -34.27
CA LEU A 533 37.38 -16.31 -34.54
C LEU A 533 37.11 -17.34 -35.64
N GLY A 534 36.10 -18.17 -35.43
CA GLY A 534 35.77 -19.27 -36.32
C GLY A 534 36.35 -20.60 -35.90
N GLN A 535 37.31 -20.59 -34.98
CA GLN A 535 37.94 -21.80 -34.46
C GLN A 535 37.89 -21.80 -32.93
N LEU A 536 36.79 -21.30 -32.37
CA LEU A 536 36.66 -21.16 -30.93
C LEU A 536 36.05 -22.42 -30.31
N THR A 537 36.31 -22.60 -29.02
CA THR A 537 35.87 -23.78 -28.28
C THR A 537 34.74 -23.41 -27.34
N PHE A 538 33.66 -24.18 -27.37
CA PHE A 538 32.49 -23.90 -26.54
C PHE A 538 32.69 -24.47 -25.14
N LEU A 539 32.56 -23.61 -24.13
CA LEU A 539 32.69 -24.03 -22.73
C LEU A 539 31.35 -24.40 -22.11
N GLY A 540 30.31 -23.59 -22.29
CA GLY A 540 29.02 -23.93 -21.76
C GLY A 540 28.11 -22.71 -21.68
N LEU A 541 27.03 -22.87 -20.93
CA LEU A 541 26.00 -21.86 -20.76
C LEU A 541 25.89 -21.46 -19.30
N VAL A 542 25.35 -20.27 -19.05
CA VAL A 542 25.12 -19.75 -17.72
C VAL A 542 23.68 -19.27 -17.61
N GLY A 543 23.04 -19.59 -16.49
CA GLY A 543 21.68 -19.16 -16.26
C GLY A 543 21.58 -17.94 -15.37
N ILE A 544 21.02 -16.86 -15.90
CA ILE A 544 20.91 -15.59 -15.18
C ILE A 544 19.43 -15.29 -14.94
N ILE A 545 19.08 -15.04 -13.69
CA ILE A 545 17.71 -14.71 -13.30
C ILE A 545 17.76 -13.63 -12.21
N ASP A 546 16.60 -13.00 -11.98
CA ASP A 546 16.46 -12.05 -10.88
C ASP A 546 15.98 -12.79 -9.65
N PRO A 547 16.85 -13.13 -8.70
CA PRO A 547 16.44 -13.97 -7.57
C PRO A 547 15.68 -13.16 -6.54
N PRO A 548 14.81 -13.81 -5.77
CA PRO A 548 14.12 -13.10 -4.69
C PRO A 548 15.08 -12.74 -3.56
N ARG A 549 14.67 -11.80 -2.73
CA ARG A 549 15.49 -11.32 -1.63
C ARG A 549 15.63 -12.44 -0.59
N THR A 550 16.48 -12.20 0.41
CA THR A 550 16.72 -13.17 1.46
C THR A 550 15.75 -12.98 2.61
N GLY A 551 15.14 -14.08 3.03
CA GLY A 551 14.16 -14.05 4.10
C GLY A 551 12.77 -13.74 3.60
N VAL A 552 12.64 -13.47 2.30
CA VAL A 552 11.34 -13.18 1.72
C VAL A 552 10.47 -14.42 1.68
N LYS A 553 11.06 -15.57 1.37
CA LYS A 553 10.28 -16.81 1.26
C LYS A 553 9.67 -17.19 2.60
N GLU A 554 10.45 -17.12 3.68
CA GLU A 554 9.93 -17.47 5.00
C GLU A 554 8.82 -16.52 5.42
N ALA A 555 8.99 -15.22 5.17
CA ALA A 555 7.95 -14.25 5.51
C ALA A 555 6.68 -14.51 4.71
N VAL A 556 6.83 -14.80 3.41
CA VAL A 556 5.66 -15.08 2.57
C VAL A 556 4.94 -16.32 3.08
N THR A 557 5.69 -17.35 3.46
CA THR A 557 5.08 -18.56 4.01
C THR A 557 4.34 -18.25 5.31
N THR A 558 4.92 -17.43 6.18
CA THR A 558 4.26 -17.09 7.44
C THR A 558 2.97 -16.31 7.19
N LEU A 559 2.99 -15.36 6.26
CA LEU A 559 1.78 -14.62 5.93
C LEU A 559 0.71 -15.54 5.33
N ILE A 560 1.11 -16.42 4.42
CA ILE A 560 0.14 -17.31 3.75
C ILE A 560 -0.34 -18.44 4.64
N ALA A 561 0.34 -18.69 5.76
CA ALA A 561 -0.02 -19.83 6.60
C ALA A 561 -1.37 -19.65 7.28
N SER A 562 -1.65 -18.44 7.78
CA SER A 562 -2.80 -18.27 8.67
C SER A 562 -4.08 -17.88 7.92
N GLY A 563 -4.09 -16.70 7.30
CA GLY A 563 -5.31 -16.23 6.69
C GLY A 563 -5.17 -15.43 5.41
N VAL A 564 -3.94 -15.27 4.91
CA VAL A 564 -3.66 -14.41 3.77
C VAL A 564 -3.41 -15.27 2.54
N SER A 565 -4.03 -14.89 1.43
CA SER A 565 -3.80 -15.54 0.14
C SER A 565 -3.06 -14.55 -0.75
N ILE A 566 -1.74 -14.71 -0.83
CA ILE A 566 -0.90 -13.78 -1.56
C ILE A 566 -0.99 -14.05 -3.05
N LYS A 567 -1.26 -13.00 -3.83
CA LYS A 567 -1.29 -13.09 -5.28
C LYS A 567 0.03 -12.59 -5.85
N MET A 568 0.11 -12.49 -7.17
CA MET A 568 1.35 -12.07 -7.83
C MET A 568 1.02 -11.35 -9.13
N ILE A 569 1.60 -10.17 -9.31
CA ILE A 569 1.52 -9.42 -10.56
C ILE A 569 2.94 -9.24 -11.06
N THR A 570 3.17 -9.63 -12.32
CA THR A 570 4.51 -9.66 -12.88
C THR A 570 4.53 -8.94 -14.22
N GLY A 571 5.62 -8.19 -14.47
CA GLY A 571 5.80 -7.49 -15.73
C GLY A 571 6.53 -8.26 -16.80
N ASP A 572 7.19 -9.36 -16.45
CA ASP A 572 7.89 -10.19 -17.43
C ASP A 572 6.91 -11.11 -18.13
N SER A 573 7.43 -12.08 -18.88
CA SER A 573 6.59 -13.02 -19.60
C SER A 573 6.06 -14.08 -18.63
N GLN A 574 5.41 -15.11 -19.18
CA GLN A 574 4.82 -16.15 -18.33
C GLN A 574 5.90 -16.99 -17.65
N GLU A 575 7.00 -17.26 -18.34
CA GLU A 575 8.02 -18.17 -17.81
C GLU A 575 8.66 -17.59 -16.54
N THR A 576 9.04 -16.32 -16.57
CA THR A 576 9.69 -15.72 -15.41
C THR A 576 8.74 -15.65 -14.22
N ALA A 577 7.49 -15.28 -14.45
CA ALA A 577 6.51 -15.22 -13.38
C ALA A 577 6.28 -16.61 -12.78
N VAL A 578 6.17 -17.63 -13.64
CA VAL A 578 5.97 -19.00 -13.16
C VAL A 578 7.16 -19.44 -12.33
N ALA A 579 8.38 -19.17 -12.80
CA ALA A 579 9.57 -19.56 -12.04
C ALA A 579 9.64 -18.86 -10.70
N ILE A 580 9.34 -17.56 -10.66
CA ILE A 580 9.41 -16.82 -9.41
C ILE A 580 8.34 -17.31 -8.44
N ALA A 581 7.13 -17.57 -8.93
CA ALA A 581 6.07 -18.09 -8.08
C ALA A 581 6.42 -19.48 -7.53
N SER A 582 7.03 -20.32 -8.38
CA SER A 582 7.47 -21.64 -7.92
C SER A 582 8.55 -21.52 -6.86
N ARG A 583 9.47 -20.58 -7.02
CA ARG A 583 10.49 -20.35 -6.00
C ARG A 583 9.86 -19.92 -4.68
N LEU A 584 8.87 -19.02 -4.74
CA LEU A 584 8.18 -18.61 -3.53
C LEU A 584 7.23 -19.69 -3.04
N GLY A 585 6.54 -20.36 -3.95
CA GLY A 585 5.61 -21.41 -3.59
C GLY A 585 4.19 -21.15 -4.04
N LEU A 586 4.02 -20.19 -4.93
CA LEU A 586 2.70 -19.82 -5.45
C LEU A 586 2.35 -20.52 -6.75
N TYR A 587 3.23 -21.38 -7.27
CA TYR A 587 3.00 -22.12 -8.50
C TYR A 587 3.37 -23.59 -8.31
N SER A 588 2.91 -24.18 -7.21
CA SER A 588 3.32 -25.53 -6.83
C SER A 588 2.90 -26.57 -7.87
N LYS A 589 1.59 -26.80 -8.01
CA LYS A 589 1.12 -27.82 -8.93
C LYS A 589 -0.06 -27.41 -9.81
N THR A 590 -0.91 -26.49 -9.40
CA THR A 590 -2.15 -26.22 -10.12
C THR A 590 -2.43 -24.73 -10.32
N SER A 591 -1.49 -23.85 -10.01
CA SER A 591 -1.71 -22.43 -10.22
C SER A 591 -1.69 -22.10 -11.71
N GLN A 592 -2.41 -21.04 -12.07
CA GLN A 592 -2.57 -20.64 -13.46
C GLN A 592 -2.07 -19.22 -13.67
N SER A 593 -1.66 -18.93 -14.91
CA SER A 593 -1.18 -17.62 -15.30
C SER A 593 -2.10 -17.04 -16.36
N VAL A 594 -2.54 -15.80 -16.16
CA VAL A 594 -3.46 -15.12 -17.07
C VAL A 594 -2.82 -13.81 -17.50
N SER A 595 -2.79 -13.57 -18.81
CA SER A 595 -2.23 -12.35 -19.36
C SER A 595 -3.28 -11.22 -19.36
N GLY A 596 -2.79 -9.99 -19.56
CA GLY A 596 -3.68 -8.84 -19.55
C GLY A 596 -4.70 -8.84 -20.67
N GLU A 597 -4.32 -9.35 -21.84
CA GLU A 597 -5.27 -9.44 -22.94
C GLU A 597 -6.43 -10.36 -22.59
N GLU A 598 -6.14 -11.49 -21.95
CA GLU A 598 -7.21 -12.35 -21.47
C GLU A 598 -8.07 -11.64 -20.43
N ILE A 599 -7.44 -10.85 -19.56
CA ILE A 599 -8.19 -10.12 -18.54
C ILE A 599 -9.17 -9.15 -19.18
N ASP A 600 -8.73 -8.42 -20.21
CA ASP A 600 -9.62 -7.51 -20.91
C ASP A 600 -10.53 -8.22 -21.91
N ALA A 601 -10.33 -9.51 -22.14
CA ALA A 601 -11.13 -10.23 -23.13
C ALA A 601 -12.50 -10.60 -22.59
N MET A 602 -12.55 -11.25 -21.42
CA MET A 602 -13.81 -11.79 -20.94
C MET A 602 -14.64 -10.70 -20.25
N ASP A 603 -15.89 -11.06 -19.95
CA ASP A 603 -16.81 -10.16 -19.28
C ASP A 603 -16.39 -10.00 -17.82
N VAL A 604 -16.85 -8.91 -17.20
CA VAL A 604 -16.45 -8.63 -15.82
C VAL A 604 -16.93 -9.71 -14.87
N GLN A 605 -18.07 -10.35 -15.18
CA GLN A 605 -18.52 -11.47 -14.36
C GLN A 605 -17.56 -12.65 -14.48
N GLN A 606 -17.16 -12.99 -15.70
CA GLN A 606 -16.19 -14.05 -15.89
C GLN A 606 -14.83 -13.66 -15.30
N LEU A 607 -14.47 -12.38 -15.37
CA LEU A 607 -13.23 -11.93 -14.75
C LEU A 607 -13.27 -12.13 -13.24
N SER A 608 -14.40 -11.79 -12.61
CA SER A 608 -14.54 -11.98 -11.17
C SER A 608 -14.60 -13.46 -10.80
N GLN A 609 -15.08 -14.30 -11.72
CA GLN A 609 -15.04 -15.73 -11.48
C GLN A 609 -13.62 -16.29 -11.59
N ILE A 610 -12.82 -15.74 -12.51
CA ILE A 610 -11.50 -16.30 -12.78
C ILE A 610 -10.38 -15.73 -11.91
N VAL A 611 -10.57 -14.54 -11.34
CA VAL A 611 -9.53 -13.91 -10.53
C VAL A 611 -9.19 -14.71 -9.28
N PRO A 612 -10.15 -15.13 -8.45
CA PRO A 612 -9.78 -15.77 -7.18
C PRO A 612 -9.10 -17.13 -7.36
N LYS A 613 -9.31 -17.81 -8.47
CA LYS A 613 -8.72 -19.13 -8.69
C LYS A 613 -7.36 -19.07 -9.36
N VAL A 614 -6.84 -17.87 -9.65
CA VAL A 614 -5.52 -17.70 -10.20
C VAL A 614 -4.73 -16.75 -9.31
N ALA A 615 -3.40 -16.89 -9.37
CA ALA A 615 -2.52 -16.07 -8.54
C ALA A 615 -1.32 -15.52 -9.28
N VAL A 616 -1.14 -15.81 -10.56
CA VAL A 616 0.00 -15.35 -11.34
C VAL A 616 -0.52 -14.54 -12.52
N PHE A 617 -0.03 -13.31 -12.64
CA PHE A 617 -0.35 -12.43 -13.76
C PHE A 617 0.95 -11.95 -14.39
N TYR A 618 1.04 -12.06 -15.72
CA TYR A 618 2.23 -11.67 -16.45
C TYR A 618 1.87 -10.69 -17.55
N ARG A 619 2.78 -9.75 -17.81
CA ARG A 619 2.60 -8.71 -18.83
C ARG A 619 1.32 -7.90 -18.56
N ALA A 620 1.31 -7.23 -17.41
CA ALA A 620 0.15 -6.48 -16.94
C ALA A 620 0.42 -4.99 -17.07
N SER A 621 -0.47 -4.29 -17.78
CA SER A 621 -0.41 -2.85 -17.89
C SER A 621 -1.03 -2.20 -16.66
N PRO A 622 -0.82 -0.90 -16.45
CA PRO A 622 -1.50 -0.23 -15.33
C PRO A 622 -3.02 -0.40 -15.35
N ARG A 623 -3.62 -0.36 -16.54
CA ARG A 623 -5.04 -0.62 -16.65
C ARG A 623 -5.38 -2.05 -16.24
N HIS A 624 -4.52 -3.00 -16.61
CA HIS A 624 -4.73 -4.39 -16.20
C HIS A 624 -4.66 -4.53 -14.69
N LYS A 625 -3.69 -3.88 -14.05
CA LYS A 625 -3.58 -3.94 -12.60
C LYS A 625 -4.79 -3.31 -11.92
N MET A 626 -5.25 -2.17 -12.45
CA MET A 626 -6.43 -1.52 -11.88
C MET A 626 -7.67 -2.41 -12.03
N LYS A 627 -7.83 -3.05 -13.19
CA LYS A 627 -8.96 -3.94 -13.40
C LYS A 627 -8.89 -5.14 -12.46
N ILE A 628 -7.70 -5.69 -12.26
CA ILE A 628 -7.54 -6.82 -11.34
C ILE A 628 -7.89 -6.40 -9.92
N ILE A 629 -7.44 -5.22 -9.50
CA ILE A 629 -7.75 -4.73 -8.16
C ILE A 629 -9.25 -4.53 -7.99
N LYS A 630 -9.90 -3.94 -9.00
CA LYS A 630 -11.33 -3.72 -8.93
C LYS A 630 -12.10 -5.03 -8.89
N SER A 631 -11.67 -6.03 -9.68
CA SER A 631 -12.32 -7.33 -9.65
C SER A 631 -12.14 -8.00 -8.30
N LEU A 632 -10.95 -7.89 -7.71
CA LEU A 632 -10.71 -8.45 -6.38
C LEU A 632 -11.59 -7.78 -5.33
N GLN A 633 -11.77 -6.46 -5.43
CA GLN A 633 -12.60 -5.73 -4.48
C GLN A 633 -14.09 -5.86 -4.77
N LYS A 634 -14.48 -6.39 -5.94
CA LYS A 634 -15.89 -6.45 -6.30
C LYS A 634 -16.65 -7.43 -5.42
N ASN A 635 -16.10 -8.65 -5.23
CA ASN A 635 -16.79 -9.66 -4.42
C ASN A 635 -16.74 -9.35 -2.93
N GLY A 636 -15.90 -8.40 -2.51
CA GLY A 636 -15.80 -8.05 -1.11
C GLY A 636 -14.56 -8.62 -0.45
N SER A 637 -13.53 -7.80 -0.32
CA SER A 637 -12.27 -8.21 0.30
C SER A 637 -11.44 -6.97 0.57
N VAL A 638 -10.41 -7.14 1.39
CA VAL A 638 -9.47 -6.06 1.67
C VAL A 638 -8.12 -6.41 1.08
N VAL A 639 -7.87 -5.98 -0.15
CA VAL A 639 -6.62 -6.28 -0.84
C VAL A 639 -5.54 -5.34 -0.35
N ALA A 640 -4.29 -5.82 -0.36
CA ALA A 640 -3.13 -5.05 0.06
C ALA A 640 -2.13 -5.03 -1.09
N MET A 641 -2.27 -4.04 -1.97
CA MET A 641 -1.41 -3.96 -3.15
C MET A 641 -0.04 -3.41 -2.77
N THR A 642 1.00 -4.01 -3.32
CA THR A 642 2.38 -3.63 -3.03
C THR A 642 3.14 -3.48 -4.34
N GLY A 643 3.89 -2.40 -4.48
CA GLY A 643 4.66 -2.17 -5.68
C GLY A 643 5.60 -0.99 -5.51
N ASP A 644 6.41 -0.76 -6.55
CA ASP A 644 7.40 0.31 -6.50
C ASP A 644 7.51 1.08 -7.81
N GLY A 645 6.65 0.82 -8.80
CA GLY A 645 6.69 1.49 -10.07
C GLY A 645 5.47 2.37 -10.31
N VAL A 646 5.49 3.03 -11.48
CA VAL A 646 4.40 3.94 -11.84
C VAL A 646 3.10 3.16 -12.05
N ASN A 647 3.17 2.06 -12.81
CA ASN A 647 2.03 1.18 -12.92
C ASN A 647 1.67 0.60 -11.55
N ASP A 648 2.68 0.21 -10.79
CA ASP A 648 2.45 -0.21 -9.41
C ASP A 648 1.81 0.90 -8.60
N ALA A 649 2.28 2.15 -8.77
CA ALA A 649 1.71 3.27 -8.03
C ALA A 649 0.23 3.46 -8.36
N VAL A 650 -0.14 3.31 -9.63
CA VAL A 650 -1.55 3.36 -10.00
C VAL A 650 -2.32 2.24 -9.32
N ALA A 651 -1.72 1.04 -9.27
CA ALA A 651 -2.38 -0.07 -8.60
C ALA A 651 -2.60 0.20 -7.12
N LEU A 652 -1.59 0.76 -6.45
CA LEU A 652 -1.75 1.13 -5.03
C LEU A 652 -2.81 2.20 -4.85
N LYS A 653 -2.88 3.18 -5.77
CA LYS A 653 -3.92 4.19 -5.69
C LYS A 653 -5.30 3.55 -5.83
N ALA A 654 -5.45 2.59 -6.74
CA ALA A 654 -6.72 1.90 -6.90
C ALA A 654 -7.10 1.12 -5.64
N ALA A 655 -6.12 0.46 -5.02
CA ALA A 655 -6.38 -0.30 -3.81
C ALA A 655 -6.61 0.64 -2.62
N ASP A 656 -7.31 0.11 -1.61
CA ASP A 656 -7.58 0.89 -0.41
C ASP A 656 -6.31 1.19 0.37
N ILE A 657 -5.50 0.16 0.61
CA ILE A 657 -4.23 0.30 1.33
C ILE A 657 -3.09 0.24 0.34
N GLY A 658 -2.14 1.15 0.49
CA GLY A 658 -0.95 1.15 -0.35
C GLY A 658 0.32 0.92 0.43
N VAL A 659 1.03 -0.16 0.12
CA VAL A 659 2.31 -0.50 0.75
C VAL A 659 3.39 -0.32 -0.30
N ALA A 660 4.35 0.56 -0.03
CA ALA A 660 5.41 0.88 -0.96
C ALA A 660 6.74 0.28 -0.50
N MET A 661 7.77 0.50 -1.30
CA MET A 661 9.11 0.01 -1.01
C MET A 661 10.04 1.19 -0.75
N GLY A 662 10.71 1.16 0.40
CA GLY A 662 11.61 2.24 0.75
C GLY A 662 13.00 2.08 0.17
N GLN A 663 13.63 3.22 -0.12
CA GLN A 663 15.00 3.37 -0.61
C GLN A 663 15.28 2.58 -1.88
N THR A 664 14.25 2.01 -2.51
CA THR A 664 14.44 1.29 -3.76
C THR A 664 13.33 1.54 -4.78
N GLY A 665 12.38 2.43 -4.49
CA GLY A 665 11.28 2.71 -5.39
C GLY A 665 11.31 4.15 -5.90
N THR A 666 10.40 4.41 -6.83
CA THR A 666 10.30 5.74 -7.43
C THR A 666 9.60 6.71 -6.48
N ASP A 667 9.81 8.00 -6.74
CA ASP A 667 9.19 9.03 -5.91
C ASP A 667 7.68 9.06 -6.10
N VAL A 668 7.19 8.79 -7.31
CA VAL A 668 5.76 8.79 -7.56
C VAL A 668 5.07 7.71 -6.73
N CYS A 669 5.64 6.52 -6.69
CA CYS A 669 5.06 5.45 -5.87
C CYS A 669 5.11 5.81 -4.39
N LYS A 670 6.21 6.41 -3.94
CA LYS A 670 6.33 6.78 -2.53
C LYS A 670 5.29 7.82 -2.13
N GLU A 671 5.06 8.81 -2.98
CA GLU A 671 4.10 9.87 -2.68
C GLU A 671 2.65 9.47 -2.98
N ALA A 672 2.43 8.41 -3.74
CA ALA A 672 1.08 7.93 -4.03
C ALA A 672 0.65 6.77 -3.14
N ALA A 673 1.52 6.30 -2.24
CA ALA A 673 1.19 5.18 -1.37
C ALA A 673 0.73 5.70 -0.01
N ASP A 674 0.57 4.80 0.95
CA ASP A 674 0.17 5.13 2.30
C ASP A 674 1.26 4.84 3.32
N MET A 675 1.95 3.71 3.18
CA MET A 675 3.01 3.31 4.11
C MET A 675 4.31 3.14 3.36
N ILE A 676 5.38 3.72 3.89
CA ILE A 676 6.72 3.61 3.32
C ILE A 676 7.50 2.60 4.14
N LEU A 677 8.02 1.57 3.47
CA LEU A 677 8.72 0.48 4.14
C LEU A 677 10.23 0.66 3.93
N VAL A 678 10.83 1.48 4.79
CA VAL A 678 12.29 1.58 4.82
C VAL A 678 12.87 0.30 5.40
N ASP A 679 13.95 -0.18 4.79
CA ASP A 679 14.52 -1.51 5.10
C ASP A 679 13.46 -2.59 4.90
N ASP A 680 13.08 -2.73 3.62
CA ASP A 680 11.90 -3.49 3.21
C ASP A 680 11.82 -4.87 3.84
N ASP A 681 10.80 -5.08 4.68
CA ASP A 681 10.56 -6.35 5.35
C ASP A 681 9.07 -6.66 5.31
N PHE A 682 8.73 -7.95 5.42
CA PHE A 682 7.35 -8.38 5.57
C PHE A 682 6.97 -8.70 7.00
N GLN A 683 7.95 -9.01 7.86
CA GLN A 683 7.67 -9.13 9.29
C GLN A 683 7.15 -7.82 9.85
N THR A 684 7.59 -6.69 9.29
CA THR A 684 6.99 -5.40 9.65
C THR A 684 5.52 -5.36 9.28
N ILE A 685 5.16 -5.92 8.12
CA ILE A 685 3.76 -5.98 7.71
C ILE A 685 2.96 -6.86 8.68
N MET A 686 3.54 -7.99 9.09
CA MET A 686 2.86 -8.84 10.07
C MET A 686 2.66 -8.12 11.40
N SER A 687 3.69 -7.40 11.85
CA SER A 687 3.56 -6.64 13.10
C SER A 687 2.50 -5.55 12.97
N ALA A 688 2.45 -4.89 11.82
CA ALA A 688 1.42 -3.88 11.59
C ALA A 688 0.02 -4.50 11.60
N ILE A 689 -0.12 -5.69 11.02
CA ILE A 689 -1.41 -6.38 11.03
C ILE A 689 -1.83 -6.72 12.45
N GLU A 690 -0.89 -7.25 13.25
CA GLU A 690 -1.21 -7.59 14.63
C GLU A 690 -1.57 -6.34 15.44
N GLU A 691 -0.83 -5.26 15.23
CA GLU A 691 -1.13 -4.01 15.92
C GLU A 691 -2.50 -3.47 15.51
N GLY A 692 -2.84 -3.58 14.22
CA GLY A 692 -4.15 -3.15 13.78
C GLY A 692 -5.27 -3.97 14.38
N LYS A 693 -5.08 -5.29 14.49
CA LYS A 693 -6.08 -6.13 15.13
C LYS A 693 -6.26 -5.75 16.59
N GLY A 694 -5.16 -5.54 17.31
CA GLY A 694 -5.27 -5.13 18.70
C GLY A 694 -5.93 -3.77 18.86
N ILE A 695 -5.59 -2.83 17.97
CA ILE A 695 -6.21 -1.51 18.01
C ILE A 695 -7.69 -1.60 17.73
N TYR A 696 -8.09 -2.47 16.79
CA TYR A 696 -9.51 -2.67 16.51
C TYR A 696 -10.24 -3.24 17.72
N ASN A 697 -9.62 -4.20 18.40
CA ASN A 697 -10.24 -4.77 19.60
C ASN A 697 -10.42 -3.71 20.68
N ASN A 698 -9.38 -2.91 20.91
CA ASN A 698 -9.48 -1.85 21.92
C ASN A 698 -10.50 -0.80 21.52
N ILE A 699 -10.57 -0.48 20.22
CA ILE A 699 -11.55 0.47 19.72
C ILE A 699 -12.95 -0.05 19.99
N LYS A 700 -13.19 -1.34 19.71
CA LYS A 700 -14.48 -1.93 20.02
C LYS A 700 -14.79 -1.82 21.51
N ASN A 701 -13.80 -2.08 22.36
CA ASN A 701 -14.01 -2.04 23.81
C ASN A 701 -14.44 -0.65 24.26
N PHE A 702 -13.67 0.38 23.90
CA PHE A 702 -14.03 1.69 24.43
C PHE A 702 -15.21 2.31 23.70
N VAL A 703 -15.46 1.92 22.44
CA VAL A 703 -16.68 2.34 21.77
C VAL A 703 -17.90 1.76 22.47
N ARG A 704 -17.83 0.48 22.85
CA ARG A 704 -18.91 -0.13 23.60
C ARG A 704 -19.12 0.59 24.93
N PHE A 705 -18.03 0.90 25.64
CA PHE A 705 -18.16 1.60 26.92
C PHE A 705 -18.81 2.97 26.74
N GLN A 706 -18.33 3.75 25.77
CA GLN A 706 -18.85 5.09 25.55
C GLN A 706 -20.31 5.06 25.10
N LEU A 707 -20.66 4.12 24.21
CA LEU A 707 -22.04 3.99 23.78
C LEU A 707 -22.95 3.61 24.94
N SER A 708 -22.51 2.68 25.78
CA SER A 708 -23.30 2.30 26.94
C SER A 708 -23.55 3.50 27.85
N THR A 709 -22.48 4.26 28.13
CA THR A 709 -22.63 5.44 28.99
C THR A 709 -23.57 6.47 28.36
N SER A 710 -23.43 6.71 27.06
CA SER A 710 -24.24 7.73 26.39
C SER A 710 -25.72 7.35 26.39
N ILE A 711 -26.04 6.13 25.97
CA ILE A 711 -27.45 5.74 25.96
C ILE A 711 -27.99 5.62 27.38
N ALA A 712 -27.16 5.26 28.36
CA ALA A 712 -27.61 5.23 29.74
C ALA A 712 -28.02 6.61 30.21
N ALA A 713 -27.18 7.61 29.94
CA ALA A 713 -27.53 8.98 30.31
C ALA A 713 -28.78 9.45 29.57
N LEU A 714 -28.88 9.13 28.28
CA LEU A 714 -30.04 9.56 27.50
C LEU A 714 -31.33 8.99 28.06
N THR A 715 -31.36 7.67 28.30
CA THR A 715 -32.59 7.06 28.80
C THR A 715 -32.85 7.44 30.26
N LEU A 716 -31.81 7.76 31.03
CA LEU A 716 -32.03 8.26 32.38
C LEU A 716 -32.72 9.61 32.35
N ILE A 717 -32.26 10.51 31.48
CA ILE A 717 -32.92 11.81 31.34
C ILE A 717 -34.34 11.65 30.82
N SER A 718 -34.55 10.72 29.87
CA SER A 718 -35.89 10.48 29.36
C SER A 718 -36.82 9.98 30.44
N LEU A 719 -36.35 9.03 31.27
CA LEU A 719 -37.17 8.51 32.36
C LEU A 719 -37.47 9.59 33.39
N ALA A 720 -36.48 10.45 33.68
CA ALA A 720 -36.71 11.55 34.61
C ALA A 720 -37.77 12.51 34.07
N THR A 721 -37.72 12.78 32.75
CA THR A 721 -38.69 13.69 32.15
C THR A 721 -40.09 13.09 32.15
N LEU A 722 -40.22 11.82 31.76
CA LEU A 722 -41.53 11.18 31.71
C LEU A 722 -42.15 11.07 33.11
N MET A 723 -41.33 10.69 34.10
CA MET A 723 -41.83 10.41 35.44
C MET A 723 -41.86 11.66 36.31
N ASN A 724 -41.57 12.82 35.71
CA ASN A 724 -41.83 14.14 36.29
C ASN A 724 -40.97 14.42 37.53
N PHE A 725 -39.66 14.47 37.30
CA PHE A 725 -38.73 15.24 38.13
C PHE A 725 -37.93 16.18 37.24
N PRO A 726 -37.40 17.27 37.81
CA PRO A 726 -36.61 18.22 37.01
C PRO A 726 -35.30 17.64 36.50
N ASN A 727 -34.53 18.45 35.79
CA ASN A 727 -33.30 17.98 35.16
C ASN A 727 -32.24 17.66 36.23
N PRO A 728 -31.73 16.43 36.30
CA PRO A 728 -30.69 16.13 37.29
C PRO A 728 -29.31 16.60 36.87
N LEU A 729 -29.02 16.54 35.57
CA LEU A 729 -27.73 16.96 35.04
C LEU A 729 -27.96 17.92 33.88
N ASN A 730 -27.15 18.97 33.83
CA ASN A 730 -27.22 19.95 32.74
C ASN A 730 -26.19 19.61 31.68
N ALA A 731 -26.03 20.49 30.69
CA ALA A 731 -25.08 20.25 29.62
C ALA A 731 -23.64 20.24 30.14
N MET A 732 -23.33 21.13 31.08
CA MET A 732 -21.96 21.22 31.58
C MET A 732 -21.54 19.93 32.28
N GLN A 733 -22.43 19.35 33.09
CA GLN A 733 -22.08 18.13 33.81
C GLN A 733 -21.84 16.97 32.85
N ILE A 734 -22.70 16.83 31.84
CA ILE A 734 -22.53 15.75 30.86
C ILE A 734 -21.24 15.95 30.07
N LEU A 735 -20.95 17.18 29.67
CA LEU A 735 -19.72 17.45 28.92
C LEU A 735 -18.49 17.15 29.78
N TRP A 736 -18.53 17.53 31.06
CA TRP A 736 -17.42 17.26 31.96
C TRP A 736 -17.22 15.77 32.14
N ILE A 737 -18.31 15.01 32.27
CA ILE A 737 -18.21 13.57 32.41
C ILE A 737 -17.62 12.94 31.16
N ASN A 738 -18.12 13.34 29.99
CA ASN A 738 -17.76 12.66 28.75
C ASN A 738 -16.35 13.01 28.30
N ILE A 739 -15.96 14.29 28.39
CA ILE A 739 -14.73 14.75 27.76
C ILE A 739 -13.54 14.64 28.70
N ILE A 740 -13.60 15.38 29.81
CA ILE A 740 -12.42 15.53 30.66
C ILE A 740 -12.09 14.23 31.39
N MET A 741 -13.10 13.57 31.95
CA MET A 741 -12.85 12.45 32.86
C MET A 741 -13.04 11.09 32.20
N ASP A 742 -13.90 10.97 31.20
CA ASP A 742 -14.05 9.70 30.50
C ASP A 742 -12.99 9.49 29.42
N GLY A 743 -12.16 10.50 29.17
CA GLY A 743 -11.13 10.41 28.15
C GLY A 743 -10.01 9.46 28.50
N PRO A 744 -9.21 9.80 29.52
CA PRO A 744 -8.01 9.01 29.84
C PRO A 744 -8.30 7.54 30.08
N PRO A 745 -9.40 7.17 30.77
CA PRO A 745 -9.73 5.74 30.84
C PRO A 745 -9.94 5.10 29.48
N ALA A 746 -10.59 5.80 28.57
CA ALA A 746 -10.80 5.24 27.22
C ALA A 746 -9.49 5.14 26.47
N GLN A 747 -8.59 6.11 26.64
CA GLN A 747 -7.27 6.02 26.02
C GLN A 747 -6.48 4.84 26.57
N SER A 748 -6.57 4.61 27.89
CA SER A 748 -5.90 3.46 28.48
C SER A 748 -6.48 2.15 27.96
N LEU A 749 -7.79 2.09 27.80
CA LEU A 749 -8.41 0.92 27.18
C LEU A 749 -7.93 0.74 25.75
N GLY A 750 -7.75 1.85 25.03
CA GLY A 750 -7.22 1.79 23.68
C GLY A 750 -5.79 1.27 23.61
N VAL A 751 -4.98 1.59 24.61
CA VAL A 751 -3.60 1.12 24.67
C VAL A 751 -3.47 -0.08 25.60
N GLU A 752 -4.57 -0.78 25.87
CA GLU A 752 -4.51 -1.96 26.71
C GLU A 752 -3.66 -3.04 26.06
N PRO A 753 -2.81 -3.75 26.83
CA PRO A 753 -2.00 -4.80 26.24
C PRO A 753 -2.85 -5.88 25.59
N VAL A 754 -2.37 -6.40 24.47
CA VAL A 754 -3.10 -7.38 23.68
C VAL A 754 -2.84 -8.78 24.22
N ASP A 755 -3.75 -9.70 23.91
CA ASP A 755 -3.64 -11.09 24.31
C ASP A 755 -3.01 -11.92 23.19
N LYS A 756 -2.67 -13.16 23.52
CA LYS A 756 -2.05 -14.05 22.54
C LYS A 756 -3.04 -14.53 21.49
N ASP A 757 -4.34 -14.46 21.77
CA ASP A 757 -5.36 -14.88 20.83
C ASP A 757 -5.80 -13.77 19.88
N VAL A 758 -5.34 -12.53 20.10
CA VAL A 758 -5.71 -11.44 19.22
C VAL A 758 -4.79 -11.40 18.00
N ILE A 759 -3.48 -11.55 18.22
CA ILE A 759 -2.53 -11.54 17.11
C ILE A 759 -2.72 -12.75 16.20
N ARG A 760 -3.33 -13.81 16.72
CA ARG A 760 -3.59 -15.01 15.92
C ARG A 760 -4.98 -14.90 15.28
N LYS A 761 -5.47 -16.03 14.75
CA LYS A 761 -6.79 -16.17 14.14
C LYS A 761 -6.83 -15.47 12.78
N PRO A 762 -7.54 -16.03 11.80
CA PRO A 762 -7.60 -15.39 10.49
C PRO A 762 -8.30 -14.06 10.58
N PRO A 763 -7.99 -13.13 9.68
CA PRO A 763 -8.61 -11.80 9.76
C PRO A 763 -10.12 -11.85 9.59
N ARG A 764 -10.80 -10.96 10.29
CA ARG A 764 -12.25 -10.92 10.29
C ARG A 764 -12.78 -10.45 8.94
N ASN A 765 -14.01 -10.88 8.63
CA ASN A 765 -14.67 -10.43 7.41
C ASN A 765 -15.03 -8.95 7.53
N TRP A 766 -14.92 -8.24 6.41
CA TRP A 766 -15.06 -6.79 6.41
C TRP A 766 -16.50 -6.32 6.52
N LYS A 767 -17.48 -7.19 6.27
CA LYS A 767 -18.89 -6.78 6.30
C LYS A 767 -19.50 -6.82 7.69
N ASP A 768 -18.74 -7.21 8.71
CA ASP A 768 -19.27 -7.28 10.06
C ASP A 768 -19.39 -5.87 10.66
N SER A 769 -20.08 -5.81 11.80
CA SER A 769 -20.27 -4.56 12.52
C SER A 769 -19.61 -4.65 13.89
N ILE A 770 -19.25 -3.49 14.44
CA ILE A 770 -18.61 -3.45 15.75
C ILE A 770 -19.57 -3.92 16.83
N LEU A 771 -20.83 -3.53 16.74
CA LEU A 771 -21.83 -3.93 17.73
C LEU A 771 -22.35 -5.33 17.42
N THR A 772 -22.25 -6.22 18.40
CA THR A 772 -22.74 -7.59 18.28
C THR A 772 -23.94 -7.77 19.21
N LYS A 773 -24.56 -8.96 19.13
CA LYS A 773 -25.73 -9.25 19.95
C LYS A 773 -25.36 -9.30 21.43
N ASN A 774 -24.30 -10.05 21.77
CA ASN A 774 -23.86 -10.11 23.16
C ASN A 774 -23.35 -8.76 23.63
N LEU A 775 -22.63 -8.04 22.77
CA LEU A 775 -22.12 -6.73 23.16
C LEU A 775 -23.25 -5.76 23.45
N ILE A 776 -24.26 -5.71 22.58
CA ILE A 776 -25.37 -4.79 22.79
C ILE A 776 -26.21 -5.23 23.98
N LEU A 777 -26.32 -6.54 24.22
CA LEU A 777 -27.05 -7.00 25.41
C LEU A 777 -26.35 -6.56 26.69
N LYS A 778 -25.02 -6.72 26.75
CA LYS A 778 -24.26 -6.27 27.90
C LYS A 778 -24.36 -4.76 28.07
N ILE A 779 -24.31 -4.02 26.95
CA ILE A 779 -24.44 -2.57 27.00
C ILE A 779 -25.79 -2.18 27.59
N LEU A 780 -26.86 -2.83 27.13
CA LEU A 780 -28.20 -2.52 27.64
C LEU A 780 -28.32 -2.86 29.11
N VAL A 781 -27.75 -4.00 29.53
CA VAL A 781 -27.82 -4.39 30.94
C VAL A 781 -27.09 -3.38 31.81
N SER A 782 -25.89 -2.98 31.40
CA SER A 782 -25.13 -1.99 32.16
C SER A 782 -25.85 -0.66 32.21
N SER A 783 -26.44 -0.23 31.09
CA SER A 783 -27.19 1.02 31.06
C SER A 783 -28.40 0.96 31.98
N ILE A 784 -29.11 -0.17 32.00
CA ILE A 784 -30.26 -0.32 32.87
C ILE A 784 -29.83 -0.26 34.33
N ILE A 785 -28.73 -0.92 34.68
CA ILE A 785 -28.26 -0.90 36.06
C ILE A 785 -27.87 0.51 36.48
N ILE A 786 -27.14 1.22 35.61
CA ILE A 786 -26.72 2.59 35.92
C ILE A 786 -27.94 3.50 36.08
N VAL A 787 -28.92 3.34 35.19
CA VAL A 787 -30.12 4.17 35.25
C VAL A 787 -30.89 3.91 36.53
N CYS A 788 -31.03 2.63 36.91
CA CYS A 788 -31.73 2.29 38.14
C CYS A 788 -31.03 2.88 39.35
N GLY A 789 -29.70 2.77 39.40
CA GLY A 789 -28.97 3.32 40.53
C GLY A 789 -29.10 4.84 40.62
N THR A 790 -28.94 5.52 39.48
CA THR A 790 -29.04 6.98 39.47
C THR A 790 -30.45 7.44 39.85
N LEU A 791 -31.47 6.77 39.32
CA LEU A 791 -32.84 7.13 39.65
C LEU A 791 -33.14 6.90 41.12
N PHE A 792 -32.65 5.79 41.68
CA PHE A 792 -32.85 5.53 43.10
C PHE A 792 -32.18 6.59 43.96
N VAL A 793 -30.95 6.96 43.61
CA VAL A 793 -30.24 8.00 44.37
C VAL A 793 -30.99 9.33 44.29
N PHE A 794 -31.42 9.71 43.08
CA PHE A 794 -32.11 10.97 42.90
C PHE A 794 -33.42 11.00 43.66
N TRP A 795 -34.19 9.91 43.62
CA TRP A 795 -35.46 9.85 44.34
C TRP A 795 -35.23 9.88 45.85
N ARG A 796 -34.19 9.19 46.34
CA ARG A 796 -33.92 9.18 47.77
C ARG A 796 -33.50 10.56 48.27
N GLU A 797 -32.68 11.27 47.49
CA GLU A 797 -32.15 12.56 47.91
C GLU A 797 -32.97 13.75 47.42
N LEU A 798 -34.22 13.53 47.04
CA LEU A 798 -35.09 14.60 46.58
C LEU A 798 -36.10 14.94 47.67
N ARG A 799 -36.24 16.24 47.97
CA ARG A 799 -37.11 16.72 49.03
C ARG A 799 -38.11 17.72 48.44
N ASP A 800 -39.38 17.31 48.37
CA ASP A 800 -40.47 18.18 47.94
C ASP A 800 -40.22 18.79 46.56
N ASN A 801 -39.67 17.98 45.65
CA ASN A 801 -39.42 18.39 44.26
C ASN A 801 -38.56 19.65 44.20
N VAL A 802 -37.56 19.74 45.08
CA VAL A 802 -36.64 20.87 45.14
C VAL A 802 -35.25 20.34 44.87
N ILE A 803 -34.56 20.96 43.91
CA ILE A 803 -33.21 20.53 43.53
C ILE A 803 -32.26 21.04 44.60
N THR A 804 -31.72 20.13 45.39
CA THR A 804 -30.78 20.46 46.45
C THR A 804 -29.34 20.31 45.93
N PRO A 805 -28.44 21.22 46.28
CA PRO A 805 -27.03 21.04 45.89
C PRO A 805 -26.44 19.74 46.39
N ARG A 806 -26.86 19.27 47.57
CA ARG A 806 -26.41 17.96 48.04
C ARG A 806 -26.90 16.85 47.13
N ASP A 807 -28.15 16.95 46.66
CA ASP A 807 -28.68 15.97 45.73
C ASP A 807 -27.90 15.99 44.42
N THR A 808 -27.58 17.18 43.90
CA THR A 808 -26.81 17.28 42.67
C THR A 808 -25.42 16.67 42.84
N THR A 809 -24.77 16.95 43.98
CA THR A 809 -23.45 16.39 44.23
C THR A 809 -23.51 14.88 44.33
N MET A 810 -24.52 14.34 45.03
CA MET A 810 -24.66 12.90 45.15
C MET A 810 -24.89 12.25 43.79
N THR A 811 -25.76 12.84 42.97
CA THR A 811 -26.03 12.29 41.64
C THR A 811 -24.77 12.33 40.78
N PHE A 812 -24.03 13.45 40.81
CA PHE A 812 -22.82 13.57 40.03
C PHE A 812 -21.79 12.52 40.44
N THR A 813 -21.57 12.38 41.75
CA THR A 813 -20.58 11.42 42.22
C THR A 813 -21.00 9.99 41.93
N CYS A 814 -22.29 9.68 42.07
CA CYS A 814 -22.77 8.34 41.76
C CYS A 814 -22.59 8.02 40.28
N PHE A 815 -22.94 8.97 39.40
CA PHE A 815 -22.74 8.75 37.97
C PHE A 815 -21.27 8.58 37.63
N VAL A 816 -20.40 9.38 38.26
CA VAL A 816 -18.97 9.28 38.00
C VAL A 816 -18.44 7.92 38.41
N PHE A 817 -18.81 7.45 39.60
CA PHE A 817 -18.36 6.15 40.08
C PHE A 817 -18.91 5.03 39.20
N PHE A 818 -20.17 5.13 38.80
CA PHE A 818 -20.76 4.10 37.94
C PHE A 818 -20.05 4.05 36.59
N ASP A 819 -19.72 5.21 36.02
CA ASP A 819 -19.00 5.23 34.74
C ASP A 819 -17.60 4.65 34.90
N MET A 820 -16.91 4.97 36.00
CA MET A 820 -15.58 4.42 36.23
C MET A 820 -15.62 2.90 36.36
N PHE A 821 -16.59 2.40 37.12
CA PHE A 821 -16.69 0.94 37.28
C PHE A 821 -17.12 0.26 35.98
N ASN A 822 -17.97 0.92 35.19
CA ASN A 822 -18.33 0.37 33.89
C ASN A 822 -17.12 0.29 32.97
N ALA A 823 -16.26 1.32 32.98
CA ALA A 823 -15.03 1.27 32.20
C ALA A 823 -14.12 0.15 32.69
N LEU A 824 -14.01 -0.02 34.01
CA LEU A 824 -13.20 -1.09 34.56
C LEU A 824 -13.71 -2.46 34.12
N SER A 825 -15.03 -2.65 34.14
CA SER A 825 -15.60 -3.92 33.70
C SER A 825 -15.46 -4.12 32.19
N SER A 826 -15.49 -3.03 31.41
CA SER A 826 -15.38 -3.09 29.97
C SER A 826 -13.94 -3.04 29.48
N ARG A 827 -12.96 -3.02 30.38
CA ARG A 827 -11.56 -3.05 29.98
C ARG A 827 -11.26 -4.27 29.11
N SER A 828 -11.82 -5.44 29.47
CA SER A 828 -11.63 -6.65 28.69
C SER A 828 -12.90 -7.48 28.77
N GLN A 829 -13.05 -8.38 27.79
CA GLN A 829 -14.21 -9.26 27.71
C GLN A 829 -13.76 -10.72 27.81
N THR A 830 -14.64 -11.55 28.34
CA THR A 830 -14.42 -12.99 28.51
C THR A 830 -13.09 -13.29 29.21
N LYS A 831 -12.57 -12.34 29.98
CA LYS A 831 -11.32 -12.53 30.70
C LYS A 831 -11.34 -12.03 32.13
N SER A 832 -12.36 -11.27 32.54
CA SER A 832 -12.47 -10.72 33.88
C SER A 832 -11.28 -9.84 34.23
N VAL A 833 -11.17 -9.44 35.50
CA VAL A 833 -10.08 -8.60 35.96
C VAL A 833 -9.09 -9.34 36.84
N PHE A 834 -9.42 -10.56 37.28
CA PHE A 834 -8.51 -11.30 38.15
C PHE A 834 -7.31 -11.82 37.38
N GLU A 835 -7.53 -12.35 36.16
CA GLU A 835 -6.44 -12.92 35.38
C GLU A 835 -5.47 -11.84 34.92
N ILE A 836 -6.00 -10.75 34.37
CA ILE A 836 -5.13 -9.66 33.90
C ILE A 836 -4.47 -8.97 35.08
N GLY A 837 -5.18 -8.80 36.19
CA GLY A 837 -4.62 -8.16 37.37
C GLY A 837 -4.71 -6.65 37.31
N LEU A 838 -4.83 -6.02 38.48
CA LEU A 838 -4.90 -4.56 38.54
C LEU A 838 -3.53 -3.95 38.24
N CYS A 839 -3.56 -2.73 37.69
CA CYS A 839 -2.34 -1.99 37.36
C CYS A 839 -1.45 -2.78 36.40
N SER A 840 -2.07 -3.47 35.45
CA SER A 840 -1.30 -4.21 34.45
C SER A 840 -0.46 -3.28 33.58
N ASN A 841 -1.04 -2.16 33.15
CA ASN A 841 -0.31 -1.16 32.39
C ASN A 841 -0.12 0.15 33.14
N ARG A 842 -0.81 0.34 34.26
CA ARG A 842 -0.66 1.48 35.17
C ARG A 842 -1.24 2.76 34.57
N MET A 843 -1.58 2.72 33.27
CA MET A 843 -2.24 3.87 32.67
C MET A 843 -3.69 3.95 33.10
N PHE A 844 -4.37 2.81 33.20
CA PHE A 844 -5.72 2.79 33.75
C PHE A 844 -5.71 3.24 35.20
N CYS A 845 -4.72 2.81 35.97
CA CYS A 845 -4.60 3.26 37.36
C CYS A 845 -4.38 4.77 37.44
N TYR A 846 -3.53 5.31 36.57
CA TYR A 846 -3.32 6.75 36.54
C TYR A 846 -4.60 7.49 36.17
N ALA A 847 -5.34 6.98 35.20
CA ALA A 847 -6.59 7.62 34.79
C ALA A 847 -7.63 7.60 35.92
N VAL A 848 -7.73 6.46 36.62
CA VAL A 848 -8.65 6.36 37.74
C VAL A 848 -8.26 7.31 38.86
N LEU A 849 -6.96 7.41 39.15
CA LEU A 849 -6.49 8.34 40.18
C LEU A 849 -6.80 9.77 39.80
N GLY A 850 -6.57 10.13 38.53
CA GLY A 850 -6.88 11.48 38.08
C GLY A 850 -8.36 11.80 38.16
N SER A 851 -9.20 10.83 37.77
CA SER A 851 -10.64 11.03 37.86
C SER A 851 -11.09 11.20 39.31
N ILE A 852 -10.51 10.40 40.22
CA ILE A 852 -10.85 10.52 41.63
C ILE A 852 -10.43 11.89 42.17
N MET A 853 -9.23 12.34 41.81
CA MET A 853 -8.77 13.65 42.25
C MET A 853 -9.65 14.76 41.71
N GLY A 854 -10.06 14.65 40.44
CA GLY A 854 -10.95 15.66 39.87
C GLY A 854 -12.30 15.69 40.53
N GLN A 855 -12.86 14.51 40.84
CA GLN A 855 -14.13 14.45 41.54
C GLN A 855 -14.03 15.04 42.93
N LEU A 856 -12.92 14.73 43.63
CA LEU A 856 -12.71 15.31 44.96
C LEU A 856 -12.58 16.82 44.90
N LEU A 857 -11.88 17.33 43.89
CA LEU A 857 -11.75 18.78 43.73
C LEU A 857 -13.10 19.42 43.45
N VAL A 858 -13.90 18.78 42.58
CA VAL A 858 -15.24 19.30 42.29
C VAL A 858 -16.09 19.33 43.55
N ILE A 859 -15.98 18.28 44.38
CA ILE A 859 -16.80 18.20 45.59
C ILE A 859 -16.36 19.24 46.61
N TYR A 860 -15.06 19.45 46.76
CA TYR A 860 -14.52 20.21 47.89
C TYR A 860 -14.04 21.62 47.54
N PHE A 861 -13.49 21.84 46.37
CA PHE A 861 -12.91 23.14 46.05
C PHE A 861 -14.01 24.20 45.98
N PRO A 862 -13.86 25.33 46.69
CA PRO A 862 -14.96 26.30 46.79
C PRO A 862 -15.36 26.89 45.44
N PRO A 863 -14.41 27.42 44.64
CA PRO A 863 -14.85 27.94 43.33
C PRO A 863 -15.43 26.86 42.43
N LEU A 864 -14.90 25.64 42.49
CA LEU A 864 -15.49 24.54 41.75
C LEU A 864 -16.90 24.22 42.25
N GLN A 865 -17.09 24.29 43.58
CA GLN A 865 -18.42 24.09 44.14
C GLN A 865 -19.40 25.14 43.64
N LYS A 866 -18.97 26.40 43.60
CA LYS A 866 -19.84 27.47 43.11
C LYS A 866 -20.15 27.30 41.63
N VAL A 867 -19.16 26.90 40.83
CA VAL A 867 -19.36 26.74 39.40
C VAL A 867 -20.32 25.59 39.12
N PHE A 868 -20.11 24.44 39.78
CA PHE A 868 -20.90 23.25 39.53
C PHE A 868 -22.14 23.17 40.42
N GLN A 869 -22.34 24.12 41.33
CA GLN A 869 -23.47 24.14 42.25
C GLN A 869 -23.55 22.83 43.03
N THR A 870 -22.47 22.53 43.75
CA THR A 870 -22.35 21.30 44.51
C THR A 870 -21.97 21.63 45.95
N GLU A 871 -22.35 20.74 46.87
CA GLU A 871 -22.06 20.88 48.28
C GLU A 871 -20.89 19.98 48.66
N SER A 872 -20.60 19.89 49.95
CA SER A 872 -19.51 19.09 50.47
C SER A 872 -20.04 17.75 50.98
N LEU A 873 -19.35 16.67 50.61
CA LEU A 873 -19.74 15.33 51.00
C LEU A 873 -18.98 14.87 52.23
N SER A 874 -19.55 13.88 52.91
CA SER A 874 -18.97 13.31 54.12
C SER A 874 -18.40 11.93 53.84
N ILE A 875 -17.75 11.34 54.85
CA ILE A 875 -17.16 10.02 54.70
C ILE A 875 -18.24 8.96 54.54
N LEU A 876 -19.35 9.10 55.28
CA LEU A 876 -20.43 8.13 55.18
C LEU A 876 -21.05 8.14 53.79
N ASP A 877 -21.24 9.32 53.20
CA ASP A 877 -21.78 9.41 51.85
C ASP A 877 -20.83 8.77 50.84
N LEU A 878 -19.52 9.00 51.01
CA LEU A 878 -18.54 8.39 50.12
C LEU A 878 -18.57 6.88 50.22
N LEU A 879 -18.66 6.35 51.45
CA LEU A 879 -18.75 4.90 51.64
C LEU A 879 -20.02 4.34 51.00
N PHE A 880 -21.14 5.04 51.17
CA PHE A 880 -22.40 4.61 50.57
C PHE A 880 -22.26 4.55 49.05
N LEU A 881 -21.74 5.62 48.45
CA LEU A 881 -21.60 5.67 46.99
C LEU A 881 -20.60 4.66 46.46
N LEU A 882 -19.55 4.34 47.23
CA LEU A 882 -18.59 3.33 46.80
C LEU A 882 -19.18 1.94 46.89
N GLY A 883 -19.90 1.64 47.98
CA GLY A 883 -20.50 0.31 48.12
C GLY A 883 -21.61 0.07 47.11
N LEU A 884 -22.45 1.07 46.86
CA LEU A 884 -23.54 0.91 45.92
C LEU A 884 -23.04 0.78 44.48
N THR A 885 -21.91 1.43 44.17
CA THR A 885 -21.40 1.43 42.80
C THR A 885 -20.98 0.03 42.36
N SER A 886 -20.36 -0.73 43.27
CA SER A 886 -19.81 -2.04 42.91
C SER A 886 -20.87 -3.07 42.55
N SER A 887 -22.16 -2.71 42.57
CA SER A 887 -23.20 -3.67 42.22
C SER A 887 -23.08 -4.12 40.76
N VAL A 888 -22.77 -3.19 39.87
CA VAL A 888 -22.67 -3.53 38.44
C VAL A 888 -21.49 -4.46 38.20
N CYS A 889 -20.39 -4.28 38.95
CA CYS A 889 -19.22 -5.12 38.75
C CYS A 889 -19.50 -6.57 39.09
N ILE A 890 -20.25 -6.82 40.17
CA ILE A 890 -20.53 -8.20 40.58
C ILE A 890 -21.34 -8.91 39.51
N VAL A 891 -22.38 -8.26 38.99
CA VAL A 891 -23.20 -8.90 37.96
C VAL A 891 -22.42 -9.03 36.65
N ALA A 892 -21.51 -8.10 36.37
CA ALA A 892 -20.68 -8.21 35.18
C ALA A 892 -19.77 -9.43 35.26
N GLU A 893 -19.12 -9.63 36.41
CA GLU A 893 -18.29 -10.82 36.59
C GLU A 893 -19.14 -12.09 36.60
N ILE A 894 -20.37 -12.01 37.11
CA ILE A 894 -21.26 -13.18 37.07
C ILE A 894 -21.58 -13.55 35.63
N ILE A 895 -21.87 -12.55 34.79
CA ILE A 895 -22.15 -12.81 33.39
C ILE A 895 -20.91 -13.37 32.68
N LYS A 896 -19.73 -12.82 33.01
CA LYS A 896 -18.49 -13.34 32.43
C LYS A 896 -18.27 -14.79 32.80
N LYS A 897 -18.50 -15.14 34.08
CA LYS A 897 -18.36 -16.53 34.51
C LYS A 897 -19.39 -17.42 33.83
N VAL A 898 -20.61 -16.92 33.64
CA VAL A 898 -21.66 -17.71 32.99
C VAL A 898 -21.26 -18.03 31.55
N GLU A 899 -20.77 -17.03 30.82
CA GLU A 899 -20.37 -17.29 29.43
C GLU A 899 -19.11 -18.14 29.36
N ARG A 900 -18.21 -18.01 30.33
CA ARG A 900 -17.05 -18.90 30.40
C ARG A 900 -17.48 -20.35 30.61
N SER A 901 -18.45 -20.57 31.50
CA SER A 901 -18.96 -21.91 31.73
C SER A 901 -19.66 -22.45 30.48
N ARG A 902 -20.42 -21.59 29.78
CA ARG A 902 -21.07 -22.01 28.55
C ARG A 902 -20.05 -22.42 27.50
N GLU A 903 -18.97 -21.65 27.34
CA GLU A 903 -17.91 -22.01 26.42
C GLU A 903 -17.24 -23.32 26.83
N LYS A 904 -17.00 -23.50 28.13
CA LYS A 904 -16.35 -24.71 28.61
C LYS A 904 -17.21 -25.94 28.33
N ILE A 905 -18.52 -25.85 28.58
CA ILE A 905 -19.39 -27.00 28.33
C ILE A 905 -19.64 -27.20 26.83
N GLN A 906 -19.50 -26.15 26.03
CA GLN A 906 -19.58 -26.32 24.58
C GLN A 906 -18.34 -26.96 24.01
N LYS A 907 -17.17 -26.71 24.60
CA LYS A 907 -15.92 -27.30 24.14
C LYS A 907 -15.89 -28.80 24.38
MG MG B . 8.63 -2.93 -9.68
AL ALF C . 6.61 -4.61 -12.35
F1 ALF C . 7.46 -6.14 -12.70
F2 ALF C . 5.77 -3.07 -12.00
F3 ALF C . 5.10 -5.29 -13.01
F4 ALF C . 8.12 -3.92 -11.70
#